data_8E55
#
_entry.id   8E55
#
_cell.length_a   1.00
_cell.length_b   1.00
_cell.length_c   1.00
_cell.angle_alpha   90.00
_cell.angle_beta   90.00
_cell.angle_gamma   90.00
#
_symmetry.space_group_name_H-M   'P 1'
#
_entity_poly.entity_id   1
_entity_poly.type   'polypeptide(L)'
_entity_poly.pdbx_seq_one_letter_code
;DREIKEEARKLIREAIELLQKGDPRAKEILRQAILILLAIRLLEEMEENIEKAEKLGNEELSELAKRAIKLVREALELLK
EGDPRAEEILKLALKIIKAILLLLEMYENIKQAEELGDEDLSELAKIAIRLVRQALKLLQEGDPRAEEILEIALRIIKLI
LQLLFLKQRIEEAKKKGDQQFVFEAEEKIRRIVEELFKLLEG
;
_entity_poly.pdbx_strand_id   A,B,C,D
#
# COMPACT_ATOMS: atom_id res chain seq x y z
N ASP A 1 26.54 -18.21 21.44
CA ASP A 1 25.32 -18.09 20.66
C ASP A 1 24.87 -19.44 20.13
N ARG A 2 25.84 -20.19 19.60
CA ARG A 2 25.52 -21.51 19.04
C ARG A 2 24.81 -22.38 20.08
N GLU A 3 25.22 -22.29 21.34
CA GLU A 3 24.49 -22.98 22.39
C GLU A 3 23.04 -22.51 22.43
N ILE A 4 22.82 -21.22 22.24
CA ILE A 4 21.46 -20.70 22.19
C ILE A 4 20.73 -21.25 20.98
N LYS A 5 21.41 -21.40 19.85
CA LYS A 5 20.79 -21.98 18.68
C LYS A 5 20.35 -23.41 18.95
N GLU A 6 21.21 -24.19 19.61
CA GLU A 6 20.85 -25.56 19.95
C GLU A 6 19.67 -25.60 20.91
N GLU A 7 19.66 -24.70 21.89
CA GLU A 7 18.53 -24.61 22.80
C GLU A 7 17.25 -24.30 22.03
N ALA A 8 17.34 -23.39 21.06
CA ALA A 8 16.19 -23.08 20.23
C ALA A 8 15.74 -24.31 19.44
N ARG A 9 16.69 -25.07 18.92
CA ARG A 9 16.33 -26.27 18.17
C ARG A 9 15.58 -27.25 19.06
N LYS A 10 16.05 -27.42 20.30
CA LYS A 10 15.35 -28.27 21.26
C LYS A 10 13.94 -27.73 21.51
N LEU A 11 13.83 -26.42 21.65
CA LEU A 11 12.53 -25.81 21.88
C LEU A 11 11.58 -26.12 20.74
N ILE A 12 12.05 -25.99 19.50
CA ILE A 12 11.20 -26.24 18.33
C ILE A 12 10.81 -27.72 18.29
N ARG A 13 11.75 -28.60 18.61
CA ARG A 13 11.45 -30.02 18.60
C ARG A 13 10.33 -30.34 19.59
N GLU A 14 10.48 -29.89 20.83
CA GLU A 14 9.43 -30.11 21.82
C GLU A 14 8.12 -29.47 21.38
N ALA A 15 8.20 -28.29 20.78
CA ALA A 15 7.00 -27.55 20.39
C ALA A 15 6.25 -28.24 19.25
N ILE A 16 6.95 -28.97 18.40
CA ILE A 16 6.27 -29.47 17.22
C ILE A 16 6.25 -31.00 17.23
N GLU A 17 7.42 -31.62 17.13
CA GLU A 17 7.46 -33.06 16.93
C GLU A 17 6.83 -33.79 18.12
N LEU A 18 6.97 -33.22 19.31
CA LEU A 18 6.37 -33.79 20.51
C LEU A 18 4.97 -33.20 20.71
N LEU A 19 4.89 -31.87 20.70
CA LEU A 19 3.69 -31.17 21.13
C LEU A 19 2.54 -31.26 20.13
N GLN A 20 2.75 -31.80 18.93
CA GLN A 20 1.64 -31.94 18.00
C GLN A 20 0.55 -32.85 18.57
N LYS A 21 0.95 -33.79 19.43
CA LYS A 21 0.02 -34.75 20.01
C LYS A 21 -0.73 -34.20 21.23
N GLY A 22 -0.45 -32.97 21.65
CA GLY A 22 -1.02 -32.48 22.89
C GLY A 22 -1.36 -31.01 22.94
N ASP A 23 -1.00 -30.35 24.04
CA ASP A 23 -1.47 -29.01 24.36
C ASP A 23 -1.34 -28.06 23.18
N PRO A 24 -2.46 -27.54 22.66
CA PRO A 24 -2.36 -26.53 21.61
C PRO A 24 -1.59 -25.29 22.05
N ARG A 25 -1.44 -25.09 23.36
CA ARG A 25 -0.66 -23.97 23.85
C ARG A 25 0.77 -23.98 23.32
N ALA A 26 1.24 -25.11 22.80
CA ALA A 26 2.60 -25.22 22.33
C ALA A 26 2.98 -24.10 21.36
N LYS A 27 1.98 -23.38 20.85
CA LYS A 27 2.28 -22.19 20.07
C LYS A 27 3.20 -21.25 20.84
N GLU A 28 3.07 -21.22 22.17
CA GLU A 28 3.99 -20.42 22.98
C GLU A 28 5.43 -20.86 22.75
N ILE A 29 5.68 -22.16 22.85
CA ILE A 29 7.04 -22.65 22.69
C ILE A 29 7.53 -22.39 21.28
N LEU A 30 6.66 -22.60 20.30
CA LEU A 30 7.03 -22.31 18.92
C LEU A 30 7.43 -20.85 18.75
N ARG A 31 6.66 -19.95 19.36
CA ARG A 31 6.98 -18.54 19.31
C ARG A 31 8.35 -18.27 19.90
N GLN A 32 8.61 -18.84 21.06
CA GLN A 32 9.91 -18.63 21.69
C GLN A 32 11.03 -19.11 20.80
N ALA A 33 10.84 -20.27 20.17
CA ALA A 33 11.90 -20.84 19.33
C ALA A 33 12.19 -19.93 18.14
N ILE A 34 11.14 -19.53 17.42
CA ILE A 34 11.37 -18.67 16.26
C ILE A 34 12.00 -17.36 16.70
N LEU A 35 11.57 -16.85 17.86
CA LEU A 35 12.12 -15.60 18.37
C LEU A 35 13.61 -15.74 18.61
N ILE A 36 14.01 -16.86 19.18
CA ILE A 36 15.42 -17.08 19.45
C ILE A 36 16.20 -17.20 18.15
N LEU A 37 15.61 -17.83 17.14
CA LEU A 37 16.30 -17.95 15.86
C LEU A 37 16.55 -16.57 15.24
N LEU A 38 15.52 -15.74 15.21
CA LEU A 38 15.69 -14.38 14.70
C LEU A 38 16.76 -13.64 15.49
N ALA A 39 16.70 -13.72 16.80
CA ALA A 39 17.67 -13.02 17.64
C ALA A 39 19.09 -13.47 17.32
N ILE A 40 19.30 -14.78 17.20
CA ILE A 40 20.64 -15.28 16.95
C ILE A 40 21.15 -14.75 15.62
N ARG A 41 20.32 -14.80 14.57
CA ARG A 41 20.75 -14.25 13.30
C ARG A 41 21.11 -12.78 13.43
N LEU A 42 20.30 -12.04 14.18
CA LEU A 42 20.50 -10.61 14.30
C LEU A 42 21.83 -10.30 14.94
N LEU A 43 22.14 -10.97 16.05
CA LEU A 43 23.43 -10.76 16.70
C LEU A 43 24.57 -11.20 15.80
N GLU A 44 24.38 -12.30 15.07
CA GLU A 44 25.45 -12.77 14.19
C GLU A 44 25.83 -11.69 13.19
N GLU A 45 24.85 -10.99 12.64
CA GLU A 45 25.19 -9.91 11.71
C GLU A 45 25.72 -8.68 12.46
N MET A 46 25.18 -8.42 13.64
CA MET A 46 25.59 -7.20 14.35
C MET A 46 27.04 -7.27 14.77
N GLU A 47 27.55 -8.46 15.09
CA GLU A 47 28.94 -8.52 15.53
C GLU A 47 29.88 -8.10 14.41
N GLU A 48 29.53 -8.37 13.15
CA GLU A 48 30.31 -7.81 12.05
C GLU A 48 30.07 -6.32 11.91
N ASN A 49 28.82 -5.89 12.12
CA ASN A 49 28.56 -4.47 12.08
C ASN A 49 29.32 -3.72 13.18
N ILE A 50 29.78 -4.43 14.21
CA ILE A 50 30.65 -3.81 15.20
C ILE A 50 32.00 -3.49 14.57
N GLU A 51 32.56 -4.42 13.79
CA GLU A 51 33.77 -4.11 13.06
C GLU A 51 33.54 -2.90 12.16
N LYS A 52 32.37 -2.85 11.53
CA LYS A 52 32.01 -1.65 10.78
C LYS A 52 32.13 -0.41 11.64
N ALA A 53 31.49 -0.44 12.81
CA ALA A 53 31.48 0.72 13.70
C ALA A 53 32.90 1.15 14.04
N GLU A 54 33.75 0.20 14.40
CA GLU A 54 35.10 0.57 14.80
C GLU A 54 35.86 1.17 13.63
N LYS A 55 35.70 0.61 12.44
CA LYS A 55 36.31 1.24 11.28
C LYS A 55 35.63 2.58 10.98
N LEU A 56 34.36 2.70 11.33
CA LEU A 56 33.70 4.00 11.30
C LEU A 56 34.15 4.89 12.44
N GLY A 57 34.77 4.33 13.47
CA GLY A 57 35.46 5.12 14.47
C GLY A 57 34.58 6.00 15.33
N ASN A 58 33.39 5.53 15.72
CA ASN A 58 32.57 6.23 16.70
C ASN A 58 32.41 5.35 17.93
N GLU A 59 32.93 5.83 19.06
CA GLU A 59 32.89 5.05 20.29
C GLU A 59 31.49 5.02 20.88
N GLU A 60 30.68 6.07 20.65
CA GLU A 60 29.32 6.05 21.16
C GLU A 60 28.54 4.89 20.57
N LEU A 61 28.63 4.73 19.24
CA LEU A 61 27.94 3.61 18.61
C LEU A 61 28.53 2.28 19.06
N SER A 62 29.84 2.22 19.25
CA SER A 62 30.45 0.97 19.69
C SER A 62 29.93 0.57 21.06
N GLU A 63 29.85 1.52 21.99
CA GLU A 63 29.28 1.21 23.30
C GLU A 63 27.82 0.82 23.18
N LEU A 64 27.07 1.54 22.34
CA LEU A 64 25.68 1.16 22.10
C LEU A 64 25.60 -0.29 21.69
N ALA A 65 26.42 -0.68 20.73
CA ALA A 65 26.39 -2.04 20.23
C ALA A 65 26.72 -3.03 21.34
N LYS A 66 27.80 -2.77 22.08
CA LYS A 66 28.24 -3.73 23.08
C LYS A 66 27.21 -3.89 24.18
N ARG A 67 26.66 -2.78 24.67
CA ARG A 67 25.65 -2.85 25.71
C ARG A 67 24.39 -3.54 25.20
N ALA A 68 23.99 -3.26 23.96
CA ALA A 68 22.82 -3.91 23.40
C ALA A 68 23.04 -5.41 23.26
N ILE A 69 24.24 -5.80 22.84
CA ILE A 69 24.56 -7.21 22.70
C ILE A 69 24.43 -7.90 24.04
N LYS A 70 25.03 -7.29 25.07
CA LYS A 70 24.96 -7.90 26.39
C LYS A 70 23.53 -7.95 26.90
N LEU A 71 22.75 -6.90 26.61
CA LEU A 71 21.34 -6.91 26.96
C LEU A 71 20.65 -8.10 26.34
N VAL A 72 20.85 -8.31 25.03
CA VAL A 72 20.15 -9.38 24.35
C VAL A 72 20.55 -10.72 24.92
N ARG A 73 21.85 -10.92 25.16
CA ARG A 73 22.31 -12.21 25.66
C ARG A 73 21.78 -12.46 27.07
N GLU A 74 21.77 -11.43 27.91
CA GLU A 74 21.19 -11.57 29.24
C GLU A 74 19.72 -11.96 29.14
N ALA A 75 19.00 -11.30 28.22
CA ALA A 75 17.59 -11.61 28.05
C ALA A 75 17.41 -13.05 27.59
N LEU A 76 18.29 -13.52 26.71
CA LEU A 76 18.20 -14.90 26.24
C LEU A 76 18.40 -15.87 27.39
N GLU A 77 19.42 -15.62 28.22
CA GLU A 77 19.67 -16.51 29.34
C GLU A 77 18.50 -16.50 30.31
N LEU A 78 17.90 -15.33 30.54
CA LEU A 78 16.71 -15.27 31.39
C LEU A 78 15.57 -16.07 30.78
N LEU A 79 15.32 -15.87 29.49
CA LEU A 79 14.25 -16.59 28.82
C LEU A 79 14.46 -18.08 28.89
N LYS A 80 15.72 -18.51 28.89
CA LYS A 80 16.01 -19.92 29.08
C LYS A 80 15.37 -20.42 30.36
N GLU A 81 15.23 -19.55 31.36
CA GLU A 81 14.66 -19.94 32.63
C GLU A 81 13.15 -19.68 32.68
N GLY A 82 12.73 -18.48 32.38
CA GLY A 82 11.32 -18.13 32.49
C GLY A 82 11.15 -16.62 32.66
N ASP A 83 10.34 -16.24 33.65
CA ASP A 83 10.08 -14.82 33.88
C ASP A 83 9.46 -14.15 32.66
N PRO A 84 8.17 -14.33 32.42
CA PRO A 84 7.55 -13.79 31.19
C PRO A 84 7.98 -12.38 30.84
N ARG A 85 8.46 -11.59 31.80
CA ARG A 85 9.00 -10.28 31.46
C ARG A 85 10.16 -10.40 30.49
N ALA A 86 10.79 -11.56 30.42
CA ALA A 86 11.81 -11.81 29.42
C ALA A 86 11.26 -11.58 28.02
N GLU A 87 9.99 -11.87 27.79
CA GLU A 87 9.41 -11.66 26.47
C GLU A 87 9.48 -10.20 26.07
N GLU A 88 8.95 -9.33 26.93
CA GLU A 88 8.98 -7.90 26.63
C GLU A 88 10.42 -7.42 26.49
N ILE A 89 11.28 -7.84 27.41
CA ILE A 89 12.64 -7.32 27.39
C ILE A 89 13.36 -7.75 26.12
N LEU A 90 13.15 -8.99 25.68
CA LEU A 90 13.82 -9.46 24.48
C LEU A 90 13.30 -8.74 23.25
N LYS A 91 11.99 -8.55 23.16
CA LYS A 91 11.45 -7.78 22.04
C LYS A 91 12.07 -6.40 22.01
N LEU A 92 12.10 -5.72 23.15
CA LEU A 92 12.67 -4.38 23.19
C LEU A 92 14.13 -4.40 22.79
N ALA A 93 14.88 -5.39 23.26
CA ALA A 93 16.30 -5.44 22.96
C ALA A 93 16.52 -5.64 21.48
N LEU A 94 15.71 -6.48 20.85
CA LEU A 94 15.87 -6.67 19.41
C LEU A 94 15.53 -5.38 18.66
N LYS A 95 14.45 -4.70 19.07
CA LYS A 95 14.15 -3.44 18.40
C LYS A 95 15.30 -2.47 18.56
N ILE A 96 15.94 -2.47 19.74
CA ILE A 96 17.07 -1.58 19.96
C ILE A 96 18.21 -1.91 19.01
N ILE A 97 18.54 -3.19 18.90
CA ILE A 97 19.65 -3.57 18.01
C ILE A 97 19.31 -3.21 16.58
N LYS A 98 18.06 -3.42 16.19
CA LYS A 98 17.60 -2.95 14.89
C LYS A 98 17.91 -1.47 14.74
N ALA A 99 17.57 -0.68 15.76
CA ALA A 99 17.80 0.75 15.70
C ALA A 99 19.27 1.08 15.60
N ILE A 100 20.13 0.27 16.21
CA ILE A 100 21.56 0.56 16.19
C ILE A 100 22.18 0.23 14.84
N LEU A 101 21.77 -0.89 14.24
CA LEU A 101 22.21 -1.17 12.89
C LEU A 101 21.74 -0.09 11.94
N LEU A 102 20.47 0.30 12.08
CA LEU A 102 19.94 1.40 11.29
C LEU A 102 20.78 2.65 11.51
N LEU A 103 21.23 2.86 12.74
CA LEU A 103 22.06 4.00 13.04
C LEU A 103 23.37 3.94 12.28
N LEU A 104 23.98 2.77 12.20
CA LEU A 104 25.25 2.66 11.49
C LEU A 104 25.05 2.99 10.01
N GLU A 105 23.97 2.46 9.43
CA GLU A 105 23.63 2.83 8.06
C GLU A 105 23.43 4.33 7.93
N MET A 106 22.71 4.91 8.88
CA MET A 106 22.45 6.35 8.86
C MET A 106 23.74 7.14 8.94
N TYR A 107 24.66 6.70 9.81
CA TYR A 107 25.92 7.39 9.99
C TYR A 107 26.75 7.34 8.72
N GLU A 108 26.82 6.16 8.09
CA GLU A 108 27.54 6.08 6.83
C GLU A 108 26.92 7.02 5.80
N ASN A 109 25.60 7.10 5.77
CA ASN A 109 24.96 8.07 4.88
C ASN A 109 25.37 9.49 5.27
N ILE A 110 25.29 9.81 6.55
CA ILE A 110 25.54 11.16 7.05
C ILE A 110 26.95 11.59 6.76
N LYS A 111 27.82 10.64 6.42
CA LYS A 111 29.09 11.03 5.83
C LYS A 111 28.86 11.97 4.65
N GLN A 112 27.83 11.70 3.85
CA GLN A 112 27.47 12.60 2.75
C GLN A 112 27.10 13.98 3.28
N ALA A 113 26.30 14.03 4.34
CA ALA A 113 25.90 15.33 4.89
C ALA A 113 27.10 16.12 5.36
N GLU A 114 28.03 15.45 6.05
CA GLU A 114 29.24 16.13 6.49
C GLU A 114 30.01 16.66 5.29
N GLU A 115 30.04 15.90 4.20
CA GLU A 115 30.63 16.42 2.98
C GLU A 115 29.89 17.67 2.51
N LEU A 116 28.56 17.68 2.65
CA LEU A 116 27.77 18.83 2.25
C LEU A 116 27.78 19.93 3.31
N GLY A 117 27.89 19.58 4.59
CA GLY A 117 27.76 20.56 5.64
C GLY A 117 26.33 20.81 6.07
N ASP A 118 25.46 19.81 6.00
CA ASP A 118 24.09 19.93 6.48
C ASP A 118 24.09 19.84 8.01
N GLU A 119 24.58 20.92 8.63
CA GLU A 119 24.69 20.96 10.08
C GLU A 119 23.35 20.77 10.75
N ASP A 120 22.26 21.12 10.07
CA ASP A 120 20.94 20.85 10.61
C ASP A 120 20.76 19.35 10.84
N LEU A 121 21.01 18.55 9.80
CA LEU A 121 20.92 17.11 9.96
C LEU A 121 21.92 16.62 10.98
N SER A 122 23.10 17.24 11.04
CA SER A 122 24.11 16.82 12.00
C SER A 122 23.61 16.95 13.43
N GLU A 123 23.12 18.14 13.79
CA GLU A 123 22.60 18.34 15.14
C GLU A 123 21.41 17.43 15.41
N LEU A 124 20.52 17.30 14.42
CA LEU A 124 19.36 16.44 14.61
C LEU A 124 19.80 15.00 14.86
N ALA A 125 20.79 14.54 14.10
CA ALA A 125 21.29 13.18 14.29
C ALA A 125 21.95 13.05 15.65
N LYS A 126 22.64 14.09 16.10
CA LYS A 126 23.20 14.04 17.45
C LYS A 126 22.12 13.80 18.47
N ILE A 127 21.01 14.54 18.34
CA ILE A 127 19.90 14.34 19.26
C ILE A 127 19.38 12.92 19.15
N ALA A 128 19.31 12.40 17.92
CA ALA A 128 18.83 11.04 17.73
C ALA A 128 19.72 10.03 18.44
N ILE A 129 21.03 10.16 18.27
CA ILE A 129 21.97 9.24 18.89
C ILE A 129 21.84 9.29 20.40
N ARG A 130 21.80 10.50 20.95
CA ARG A 130 21.67 10.62 22.39
C ARG A 130 20.34 10.07 22.86
N LEU A 131 19.29 10.23 22.05
CA LEU A 131 18.00 9.65 22.40
C LEU A 131 18.10 8.15 22.49
N VAL A 132 18.76 7.53 21.52
CA VAL A 132 18.93 6.10 21.56
C VAL A 132 19.72 5.70 22.79
N ARG A 133 20.75 6.47 23.10
CA ARG A 133 21.52 6.21 24.32
C ARG A 133 20.61 6.23 25.54
N GLN A 134 19.73 7.23 25.59
CA GLN A 134 18.81 7.36 26.71
C GLN A 134 17.85 6.17 26.79
N ALA A 135 17.37 5.72 25.63
CA ALA A 135 16.47 4.56 25.61
C ALA A 135 17.20 3.32 26.10
N LEU A 136 18.43 3.13 25.64
CA LEU A 136 19.22 2.00 26.10
C LEU A 136 19.44 2.08 27.60
N LYS A 137 19.74 3.28 28.09
CA LYS A 137 19.97 3.48 29.52
C LYS A 137 18.73 3.13 30.33
N LEU A 138 17.59 3.70 29.95
CA LEU A 138 16.34 3.40 30.63
C LEU A 138 16.07 1.90 30.60
N LEU A 139 16.25 1.27 29.44
CA LEU A 139 16.01 -0.16 29.33
C LEU A 139 16.91 -0.93 30.29
N GLN A 140 18.18 -0.53 30.34
CA GLN A 140 19.08 -1.13 31.30
C GLN A 140 18.55 -0.97 32.72
N GLU A 141 17.92 0.18 33.00
CA GLU A 141 17.29 0.43 34.29
C GLU A 141 15.94 -0.24 34.43
N GLY A 142 15.34 -0.68 33.32
CA GLY A 142 14.01 -1.27 33.37
C GLY A 142 12.87 -0.28 33.43
N ASP A 143 13.13 1.00 33.15
CA ASP A 143 12.06 1.99 33.17
C ASP A 143 11.11 1.74 32.01
N PRO A 144 9.80 1.67 32.25
CA PRO A 144 8.86 1.45 31.14
C PRO A 144 8.94 2.51 30.04
N ARG A 145 9.54 3.68 30.32
CA ARG A 145 9.72 4.69 29.29
C ARG A 145 10.66 4.24 28.18
N ALA A 146 11.31 3.08 28.33
CA ALA A 146 12.24 2.62 27.30
C ALA A 146 11.58 2.62 25.94
N GLU A 147 10.40 2.00 25.84
CA GLU A 147 9.69 1.97 24.57
C GLU A 147 9.29 3.37 24.14
N GLU A 148 8.83 4.19 25.09
CA GLU A 148 8.30 5.50 24.72
C GLU A 148 9.37 6.36 24.08
N ILE A 149 10.57 6.36 24.65
CA ILE A 149 11.66 7.12 24.07
C ILE A 149 12.18 6.46 22.80
N LEU A 150 12.28 5.13 22.81
CA LEU A 150 12.81 4.41 21.66
C LEU A 150 12.01 4.70 20.41
N GLU A 151 10.68 4.74 20.53
CA GLU A 151 9.85 4.98 19.35
C GLU A 151 10.17 6.33 18.73
N ILE A 152 10.40 7.34 19.57
CA ILE A 152 10.77 8.65 19.04
C ILE A 152 12.14 8.58 18.40
N ALA A 153 13.06 7.83 19.01
CA ALA A 153 14.36 7.64 18.40
C ALA A 153 14.21 7.09 16.98
N LEU A 154 13.43 6.03 16.85
CA LEU A 154 13.23 5.42 15.56
C LEU A 154 12.63 6.41 14.59
N ARG A 155 11.62 7.14 15.01
CA ARG A 155 10.93 8.00 14.05
C ARG A 155 11.83 9.13 13.58
N ILE A 156 12.64 9.67 14.48
CA ILE A 156 13.58 10.69 14.05
C ILE A 156 14.61 10.09 13.09
N ILE A 157 15.04 8.85 13.35
CA ILE A 157 16.02 8.22 12.48
C ILE A 157 15.45 8.00 11.09
N LYS A 158 14.22 7.51 11.02
CA LYS A 158 13.61 7.32 9.72
C LYS A 158 13.45 8.65 9.01
N LEU A 159 13.03 9.69 9.72
CA LEU A 159 12.92 11.00 9.07
C LEU A 159 14.26 11.43 8.51
N ILE A 160 15.32 11.28 9.29
CA ILE A 160 16.64 11.72 8.84
C ILE A 160 17.03 10.95 7.58
N LEU A 161 16.84 9.64 7.59
CA LEU A 161 17.14 8.86 6.41
C LEU A 161 16.31 9.32 5.23
N GLN A 162 15.05 9.67 5.47
CA GLN A 162 14.20 10.13 4.38
C GLN A 162 14.78 11.39 3.77
N LEU A 163 15.28 12.30 4.61
CA LEU A 163 15.85 13.53 4.07
C LEU A 163 17.14 13.24 3.33
N LEU A 164 17.91 12.26 3.78
CA LEU A 164 19.15 11.91 3.07
C LEU A 164 18.85 11.32 1.70
N PHE A 165 17.87 10.42 1.61
CA PHE A 165 17.50 9.88 0.32
C PHE A 165 16.92 10.96 -0.58
N LEU A 166 16.19 11.91 0.00
CA LEU A 166 15.72 13.04 -0.79
C LEU A 166 16.91 13.85 -1.30
N LYS A 167 17.93 14.03 -0.47
CA LYS A 167 19.11 14.76 -0.92
C LYS A 167 19.79 14.04 -2.07
N GLN A 168 19.91 12.71 -1.98
CA GLN A 168 20.51 11.97 -3.08
C GLN A 168 19.69 12.10 -4.34
N ARG A 169 18.35 11.98 -4.23
CA ARG A 169 17.50 12.24 -5.38
C ARG A 169 17.75 13.64 -5.93
N ILE A 170 17.99 14.60 -5.05
CA ILE A 170 18.33 15.95 -5.49
C ILE A 170 19.60 15.92 -6.32
N GLU A 171 20.59 15.14 -5.89
CA GLU A 171 21.77 14.93 -6.72
C GLU A 171 21.40 14.23 -8.02
N GLU A 172 20.34 13.42 -8.01
CA GLU A 172 19.86 12.77 -9.21
C GLU A 172 19.04 13.73 -10.06
N GLN A 180 6.55 11.81 -10.54
CA GLN A 180 7.90 12.34 -10.53
C GLN A 180 8.73 11.72 -9.42
N PHE A 181 10.00 11.45 -9.73
CA PHE A 181 10.81 10.61 -8.87
C PHE A 181 10.99 11.20 -7.47
N VAL A 182 10.96 12.54 -7.34
CA VAL A 182 10.99 13.15 -6.02
C VAL A 182 9.63 13.19 -5.35
N PHE A 183 8.56 12.91 -6.10
CA PHE A 183 7.22 13.07 -5.54
C PHE A 183 6.98 12.11 -4.39
N GLU A 184 7.41 10.85 -4.54
CA GLU A 184 7.15 9.85 -3.51
C GLU A 184 7.73 10.29 -2.18
N ALA A 185 8.93 10.86 -2.18
CA ALA A 185 9.51 11.31 -0.92
C ALA A 185 8.73 12.48 -0.35
N GLU A 186 8.36 13.45 -1.20
CA GLU A 186 7.57 14.57 -0.71
C GLU A 186 6.30 14.09 -0.06
N GLU A 187 5.74 12.97 -0.54
CA GLU A 187 4.57 12.39 0.09
C GLU A 187 4.94 11.73 1.42
N LYS A 188 5.85 10.76 1.37
CA LYS A 188 6.10 9.89 2.52
C LYS A 188 6.65 10.67 3.71
N ILE A 189 7.47 11.68 3.45
CA ILE A 189 7.98 12.46 4.56
C ILE A 189 6.83 13.08 5.33
N ARG A 190 5.73 13.41 4.64
CA ARG A 190 4.62 14.03 5.33
C ARG A 190 3.94 13.05 6.29
N ARG A 191 3.76 11.79 5.89
CA ARG A 191 3.20 10.82 6.80
C ARG A 191 4.12 10.62 7.99
N ILE A 192 5.43 10.48 7.74
CA ILE A 192 6.36 10.29 8.85
C ILE A 192 6.30 11.49 9.78
N VAL A 193 6.29 12.70 9.22
CA VAL A 193 6.29 13.91 10.03
C VAL A 193 5.05 13.96 10.90
N GLU A 194 3.88 13.70 10.30
CA GLU A 194 2.65 13.84 11.07
C GLU A 194 2.50 12.73 12.09
N GLU A 195 3.01 11.53 11.81
CA GLU A 195 3.01 10.48 12.83
C GLU A 195 3.96 10.84 13.98
N LEU A 196 5.13 11.40 13.65
CA LEU A 196 6.05 11.87 14.68
C LEU A 196 5.37 12.91 15.56
N PHE A 197 4.71 13.89 14.94
CA PHE A 197 3.99 14.90 15.70
C PHE A 197 2.90 14.27 16.54
N LYS A 198 2.17 13.30 15.97
CA LYS A 198 1.09 12.68 16.71
C LYS A 198 1.63 12.00 17.96
N LEU A 199 2.78 11.35 17.86
CA LEU A 199 3.40 10.74 19.03
C LEU A 199 3.80 11.81 20.04
N LEU A 200 4.48 12.84 19.58
CA LEU A 200 5.05 13.80 20.53
C LEU A 200 3.99 14.63 21.21
N GLU A 201 2.93 14.98 20.49
CA GLU A 201 1.90 15.91 20.93
C GLU A 201 0.76 15.20 21.66
N GLY A 202 0.33 14.05 21.15
CA GLY A 202 -0.77 13.33 21.77
C GLY A 202 -2.11 13.65 21.14
N ASP B 1 -11.07 -34.07 -14.39
CA ASP B 1 -11.18 -32.64 -14.19
C ASP B 1 -12.02 -32.01 -15.30
N ARG B 2 -11.80 -32.49 -16.53
CA ARG B 2 -12.54 -31.96 -17.67
C ARG B 2 -14.03 -32.08 -17.45
N GLU B 3 -14.48 -33.22 -16.92
CA GLU B 3 -15.88 -33.34 -16.55
C GLU B 3 -16.27 -32.27 -15.54
N ILE B 4 -15.36 -31.96 -14.62
CA ILE B 4 -15.61 -30.91 -13.66
C ILE B 4 -15.69 -29.56 -14.37
N LYS B 5 -14.84 -29.34 -15.37
CA LYS B 5 -14.91 -28.08 -16.12
C LYS B 5 -16.26 -27.95 -16.82
N GLU B 6 -16.73 -29.05 -17.42
CA GLU B 6 -18.03 -29.01 -18.08
C GLU B 6 -19.15 -28.75 -17.09
N GLU B 7 -19.08 -29.38 -15.91
CA GLU B 7 -20.06 -29.11 -14.87
C GLU B 7 -20.02 -27.65 -14.46
N ALA B 8 -18.82 -27.08 -14.38
CA ALA B 8 -18.70 -25.67 -14.07
C ALA B 8 -19.35 -24.81 -15.14
N ARG B 9 -19.14 -25.17 -16.40
CA ARG B 9 -19.74 -24.41 -17.49
C ARG B 9 -21.26 -24.45 -17.40
N LYS B 10 -21.81 -25.63 -17.09
CA LYS B 10 -23.25 -25.74 -16.88
C LYS B 10 -23.70 -24.86 -15.72
N LEU B 11 -22.92 -24.87 -14.64
CA LEU B 11 -23.25 -24.05 -13.49
C LEU B 11 -23.32 -22.58 -13.87
N ILE B 12 -22.33 -22.11 -14.64
CA ILE B 12 -22.31 -20.71 -15.04
C ILE B 12 -23.47 -20.39 -15.95
N ARG B 13 -23.80 -21.32 -16.86
CA ARG B 13 -24.94 -21.09 -17.75
C ARG B 13 -26.22 -20.91 -16.96
N GLU B 14 -26.50 -21.84 -16.04
CA GLU B 14 -27.68 -21.72 -15.21
C GLU B 14 -27.65 -20.45 -14.37
N ALA B 15 -26.46 -20.09 -13.88
CA ALA B 15 -26.32 -18.93 -13.02
C ALA B 15 -26.59 -17.64 -13.75
N ILE B 16 -26.26 -17.57 -15.04
CA ILE B 16 -26.33 -16.28 -15.71
C ILE B 16 -27.38 -16.30 -16.81
N GLU B 17 -27.15 -17.12 -17.84
CA GLU B 17 -28.02 -17.04 -19.01
C GLU B 17 -29.45 -17.38 -18.67
N LEU B 18 -29.65 -18.28 -17.71
CA LEU B 18 -30.98 -18.66 -17.24
C LEU B 18 -31.37 -17.76 -16.06
N LEU B 19 -30.53 -17.72 -15.05
CA LEU B 19 -30.86 -17.10 -13.78
C LEU B 19 -30.99 -15.59 -13.85
N GLN B 20 -30.62 -14.94 -14.95
CA GLN B 20 -30.82 -13.51 -15.05
C GLN B 20 -32.30 -13.14 -14.97
N LYS B 21 -33.17 -14.00 -15.48
CA LYS B 21 -34.61 -13.79 -15.43
C LYS B 21 -35.23 -14.26 -14.11
N GLY B 22 -34.43 -14.80 -13.19
CA GLY B 22 -34.99 -15.40 -12.00
C GLY B 22 -34.37 -14.93 -10.70
N ASP B 23 -34.17 -15.87 -9.77
CA ASP B 23 -33.80 -15.53 -8.41
C ASP B 23 -32.48 -14.76 -8.38
N PRO B 24 -32.44 -13.57 -7.77
CA PRO B 24 -31.15 -12.88 -7.62
C PRO B 24 -30.14 -13.68 -6.83
N ARG B 25 -30.59 -14.66 -6.04
CA ARG B 25 -29.67 -15.51 -5.29
C ARG B 25 -28.66 -16.21 -6.18
N ALA B 26 -28.87 -16.22 -7.50
CA ALA B 26 -27.97 -16.92 -8.41
C ALA B 26 -26.51 -16.58 -8.19
N LYS B 27 -26.24 -15.49 -7.47
CA LYS B 27 -24.86 -15.18 -7.11
C LYS B 27 -24.20 -16.37 -6.44
N GLU B 28 -24.96 -17.15 -5.69
CA GLU B 28 -24.39 -18.37 -5.08
C GLU B 28 -23.84 -19.29 -6.16
N ILE B 29 -24.66 -19.58 -7.17
CA ILE B 29 -24.23 -20.50 -8.22
C ILE B 29 -23.05 -19.91 -8.97
N LEU B 30 -23.10 -18.62 -9.25
CA LEU B 30 -21.99 -17.96 -9.91
C LEU B 30 -20.70 -18.13 -9.11
N ARG B 31 -20.78 -17.96 -7.80
CA ARG B 31 -19.63 -18.16 -6.94
C ARG B 31 -19.10 -19.57 -7.08
N GLN B 32 -19.99 -20.55 -7.01
CA GLN B 32 -19.55 -21.93 -7.12
C GLN B 32 -18.84 -22.16 -8.45
N ALA B 33 -19.38 -21.60 -9.53
CA ALA B 33 -18.79 -21.83 -10.84
C ALA B 33 -17.39 -21.24 -10.92
N ILE B 34 -17.24 -19.99 -10.49
CA ILE B 34 -15.92 -19.37 -10.55
C ILE B 34 -14.95 -20.13 -9.67
N LEU B 35 -15.44 -20.60 -8.52
CA LEU B 35 -14.60 -21.38 -7.62
C LEU B 35 -14.09 -22.63 -8.30
N ILE B 36 -14.98 -23.30 -9.03
CA ILE B 36 -14.60 -24.52 -9.71
C ILE B 36 -13.58 -24.23 -10.80
N LEU B 37 -13.75 -23.10 -11.50
CA LEU B 37 -12.79 -22.73 -12.54
C LEU B 37 -11.40 -22.51 -11.96
N LEU B 38 -11.32 -21.75 -10.88
CA LEU B 38 -10.02 -21.53 -10.23
C LEU B 38 -9.42 -22.85 -9.80
N ALA B 39 -10.22 -23.71 -9.18
CA ALA B 39 -9.69 -24.98 -8.73
C ALA B 39 -9.16 -25.80 -9.90
N ILE B 40 -9.90 -25.83 -11.01
CA ILE B 40 -9.47 -26.59 -12.16
C ILE B 40 -8.10 -26.11 -12.62
N ARG B 41 -7.95 -24.80 -12.78
CA ARG B 41 -6.65 -24.28 -13.23
C ARG B 41 -5.55 -24.63 -12.24
N LEU B 42 -5.87 -24.54 -10.95
CA LEU B 42 -4.85 -24.77 -9.93
C LEU B 42 -4.34 -26.19 -10.01
N LEU B 43 -5.25 -27.16 -10.06
CA LEU B 43 -4.85 -28.56 -10.17
C LEU B 43 -4.09 -28.79 -11.47
N GLU B 44 -4.53 -28.16 -12.56
CA GLU B 44 -3.85 -28.35 -13.84
C GLU B 44 -2.38 -27.98 -13.71
N GLU B 45 -2.09 -26.84 -13.07
CA GLU B 45 -0.68 -26.48 -12.88
C GLU B 45 0.00 -27.40 -11.89
N MET B 46 -0.71 -27.81 -10.84
CA MET B 46 -0.05 -28.60 -9.80
C MET B 46 0.38 -29.96 -10.33
N GLU B 47 -0.35 -30.52 -11.28
CA GLU B 47 0.05 -31.84 -11.74
C GLU B 47 1.41 -31.80 -12.44
N GLU B 48 1.76 -30.68 -13.06
CA GLU B 48 3.13 -30.53 -13.56
C GLU B 48 4.10 -30.23 -12.42
N ASN B 49 3.64 -29.46 -11.44
CA ASN B 49 4.50 -29.22 -10.30
C ASN B 49 4.81 -30.52 -9.55
N ILE B 50 4.01 -31.56 -9.75
CA ILE B 50 4.36 -32.86 -9.21
C ILE B 50 5.59 -33.42 -9.91
N GLU B 51 5.66 -33.27 -11.23
CA GLU B 51 6.88 -33.66 -11.92
C GLU B 51 8.06 -32.87 -11.38
N LYS B 52 7.84 -31.59 -11.12
CA LYS B 52 8.86 -30.80 -10.45
C LYS B 52 9.29 -31.46 -9.15
N ALA B 53 8.32 -31.84 -8.32
CA ALA B 53 8.62 -32.44 -7.03
C ALA B 53 9.45 -33.70 -7.18
N GLU B 54 9.07 -34.56 -8.12
CA GLU B 54 9.78 -35.82 -8.27
C GLU B 54 11.20 -35.60 -8.77
N LYS B 55 11.39 -34.66 -9.68
CA LYS B 55 12.75 -34.32 -10.06
C LYS B 55 13.49 -33.68 -8.88
N LEU B 56 12.76 -32.99 -8.01
CA LEU B 56 13.34 -32.53 -6.75
C LEU B 56 13.53 -33.67 -5.76
N GLY B 57 12.91 -34.82 -6.01
CA GLY B 57 13.22 -36.02 -5.25
C GLY B 57 12.90 -35.96 -3.78
N ASN B 58 11.81 -35.30 -3.39
CA ASN B 58 11.33 -35.37 -2.02
C ASN B 58 9.98 -36.06 -1.98
N GLU B 59 9.92 -37.19 -1.28
CA GLU B 59 8.67 -37.95 -1.21
C GLU B 59 7.66 -37.30 -0.29
N GLU B 60 8.12 -36.54 0.71
CA GLU B 60 7.18 -35.86 1.59
C GLU B 60 6.31 -34.89 0.80
N LEU B 61 6.94 -34.05 -0.02
CA LEU B 61 6.18 -33.12 -0.83
C LEU B 61 5.32 -33.86 -1.84
N SER B 62 5.83 -34.94 -2.40
CA SER B 62 5.04 -35.70 -3.38
C SER B 62 3.77 -36.24 -2.75
N GLU B 63 3.88 -36.82 -1.55
CA GLU B 63 2.70 -37.28 -0.85
C GLU B 63 1.77 -36.13 -0.53
N LEU B 64 2.34 -35.01 -0.08
CA LEU B 64 1.52 -33.83 0.17
C LEU B 64 0.70 -33.50 -1.06
N ALA B 65 1.35 -33.45 -2.21
CA ALA B 65 0.68 -33.10 -3.44
C ALA B 65 -0.43 -34.09 -3.75
N LYS B 66 -0.12 -35.38 -3.68
CA LYS B 66 -1.09 -36.38 -4.07
C LYS B 66 -2.31 -36.36 -3.15
N ARG B 67 -2.07 -36.29 -1.84
CA ARG B 67 -3.18 -36.23 -0.90
C ARG B 67 -3.99 -34.97 -1.09
N ALA B 68 -3.34 -33.83 -1.33
CA ALA B 68 -4.07 -32.60 -1.55
C ALA B 68 -4.90 -32.69 -2.82
N ILE B 69 -4.35 -33.28 -3.87
CA ILE B 69 -5.10 -33.45 -5.11
C ILE B 69 -6.35 -34.24 -4.84
N LYS B 70 -6.20 -35.37 -4.15
CA LYS B 70 -7.35 -36.22 -3.87
C LYS B 70 -8.35 -35.47 -3.01
N LEU B 71 -7.87 -34.69 -2.04
CA LEU B 71 -8.74 -33.89 -1.22
C LEU B 71 -9.59 -32.96 -2.08
N VAL B 72 -8.93 -32.24 -3.01
CA VAL B 72 -9.64 -31.28 -3.81
C VAL B 72 -10.68 -31.97 -4.68
N ARG B 73 -10.29 -33.09 -5.30
CA ARG B 73 -11.23 -33.78 -6.18
C ARG B 73 -12.41 -34.34 -5.39
N GLU B 74 -12.15 -34.87 -4.19
CA GLU B 74 -13.25 -35.34 -3.34
C GLU B 74 -14.18 -34.18 -3.00
N ALA B 75 -13.60 -33.02 -2.69
CA ALA B 75 -14.42 -31.86 -2.38
C ALA B 75 -15.26 -31.45 -3.58
N LEU B 76 -14.68 -31.53 -4.77
CA LEU B 76 -15.43 -31.19 -5.98
C LEU B 76 -16.60 -32.14 -6.17
N GLU B 77 -16.36 -33.43 -6.00
CA GLU B 77 -17.43 -34.39 -6.15
C GLU B 77 -18.53 -34.15 -5.13
N LEU B 78 -18.14 -33.84 -3.89
CA LEU B 78 -19.15 -33.51 -2.88
C LEU B 78 -19.95 -32.29 -3.29
N LEU B 79 -19.25 -31.23 -3.72
CA LEU B 79 -19.92 -30.02 -4.16
C LEU B 79 -20.91 -30.33 -5.27
N LYS B 80 -20.55 -31.26 -6.15
CA LYS B 80 -21.48 -31.66 -7.19
C LYS B 80 -22.81 -32.08 -6.60
N GLU B 81 -22.78 -32.64 -5.39
CA GLU B 81 -24.01 -33.08 -4.74
C GLU B 81 -24.62 -31.99 -3.87
N GLY B 82 -23.81 -31.32 -3.06
CA GLY B 82 -24.32 -30.31 -2.15
C GLY B 82 -23.46 -30.26 -0.89
N ASP B 83 -24.13 -30.39 0.26
CA ASP B 83 -23.42 -30.36 1.53
C ASP B 83 -22.62 -29.07 1.72
N PRO B 84 -23.28 -27.94 2.06
CA PRO B 84 -22.59 -26.65 2.16
C PRO B 84 -21.23 -26.68 2.83
N ARG B 85 -20.98 -27.66 3.69
CA ARG B 85 -19.66 -27.80 4.28
C ARG B 85 -18.60 -28.03 3.22
N ALA B 86 -19.01 -28.50 2.04
CA ALA B 86 -18.08 -28.61 0.93
C ALA B 86 -17.46 -27.25 0.61
N GLU B 87 -18.18 -26.16 0.84
CA GLU B 87 -17.62 -24.84 0.58
C GLU B 87 -16.36 -24.62 1.43
N GLU B 88 -16.47 -24.82 2.73
CA GLU B 88 -15.33 -24.64 3.61
C GLU B 88 -14.22 -25.58 3.21
N ILE B 89 -14.57 -26.85 3.00
CA ILE B 89 -13.54 -27.83 2.73
C ILE B 89 -12.80 -27.50 1.44
N LEU B 90 -13.53 -27.08 0.42
CA LEU B 90 -12.90 -26.76 -0.86
C LEU B 90 -11.98 -25.55 -0.73
N LYS B 91 -12.44 -24.51 -0.04
CA LYS B 91 -11.58 -23.37 0.18
C LYS B 91 -10.29 -23.80 0.87
N LEU B 92 -10.42 -24.58 1.94
CA LEU B 92 -9.24 -25.01 2.67
C LEU B 92 -8.32 -25.82 1.77
N ALA B 93 -8.89 -26.69 0.94
CA ALA B 93 -8.06 -27.53 0.10
C ALA B 93 -7.30 -26.72 -0.91
N LEU B 94 -7.93 -25.68 -1.47
CA LEU B 94 -7.22 -24.83 -2.40
C LEU B 94 -6.11 -24.07 -1.70
N LYS B 95 -6.37 -23.56 -0.50
CA LYS B 95 -5.31 -22.88 0.21
C LYS B 95 -4.16 -23.83 0.49
N ILE B 96 -4.47 -25.08 0.79
CA ILE B 96 -3.42 -26.08 1.04
C ILE B 96 -2.57 -26.28 -0.21
N ILE B 97 -3.22 -26.45 -1.35
CA ILE B 97 -2.46 -26.67 -2.58
C ILE B 97 -1.61 -25.46 -2.89
N LYS B 98 -2.15 -24.27 -2.65
CA LYS B 98 -1.36 -23.05 -2.76
C LYS B 98 -0.11 -23.17 -1.90
N ALA B 99 -0.28 -23.60 -0.64
CA ALA B 99 0.85 -23.71 0.25
C ALA B 99 1.85 -24.75 -0.24
N ILE B 100 1.39 -25.80 -0.90
CA ILE B 100 2.30 -26.84 -1.37
C ILE B 100 3.10 -26.37 -2.58
N LEU B 101 2.46 -25.66 -3.51
CA LEU B 101 3.22 -25.08 -4.61
C LEU B 101 4.24 -24.09 -4.07
N LEU B 102 3.81 -23.25 -3.12
CA LEU B 102 4.73 -22.34 -2.48
C LEU B 102 5.87 -23.10 -1.84
N LEU B 103 5.58 -24.27 -1.28
CA LEU B 103 6.61 -25.08 -0.68
C LEU B 103 7.61 -25.53 -1.72
N LEU B 104 7.14 -25.94 -2.90
CA LEU B 104 8.07 -26.38 -3.93
C LEU B 104 8.99 -25.24 -4.34
N GLU B 105 8.43 -24.04 -4.51
CA GLU B 105 9.26 -22.87 -4.78
C GLU B 105 10.26 -22.64 -3.65
N MET B 106 9.81 -22.78 -2.41
CA MET B 106 10.68 -22.57 -1.26
C MET B 106 11.81 -23.59 -1.25
N TYR B 107 11.49 -24.84 -1.56
CA TYR B 107 12.47 -25.92 -1.57
C TYR B 107 13.53 -25.65 -2.64
N GLU B 108 13.09 -25.27 -3.82
CA GLU B 108 14.04 -24.94 -4.86
C GLU B 108 14.95 -23.81 -4.41
N ASN B 109 14.38 -22.79 -3.76
CA ASN B 109 15.23 -21.74 -3.21
C ASN B 109 16.21 -22.31 -2.18
N ILE B 110 15.70 -23.12 -1.25
CA ILE B 110 16.47 -23.63 -0.13
C ILE B 110 17.62 -24.49 -0.63
N LYS B 111 17.56 -24.93 -1.88
CA LYS B 111 18.77 -25.48 -2.48
C LYS B 111 19.93 -24.50 -2.31
N GLN B 112 19.66 -23.21 -2.49
CA GLN B 112 20.68 -22.20 -2.27
C GLN B 112 21.17 -22.24 -0.82
N ALA B 113 20.24 -22.33 0.12
CA ALA B 113 20.63 -22.34 1.53
C ALA B 113 21.53 -23.52 1.83
N GLU B 114 21.19 -24.69 1.30
CA GLU B 114 22.03 -25.86 1.49
C GLU B 114 23.42 -25.61 0.94
N GLU B 115 23.48 -24.97 -0.22
CA GLU B 115 24.79 -24.58 -0.76
C GLU B 115 25.50 -23.62 0.19
N LEU B 116 24.74 -22.80 0.91
CA LEU B 116 25.33 -21.89 1.88
C LEU B 116 25.54 -22.54 3.23
N GLY B 117 24.72 -23.53 3.59
CA GLY B 117 24.78 -24.11 4.91
C GLY B 117 24.02 -23.35 5.97
N ASP B 118 22.93 -22.68 5.61
CA ASP B 118 22.07 -22.00 6.59
C ASP B 118 21.21 -23.04 7.29
N GLU B 119 21.86 -23.79 8.18
CA GLU B 119 21.17 -24.86 8.90
C GLU B 119 19.99 -24.33 9.70
N ASP B 120 20.06 -23.07 10.14
CA ASP B 120 18.93 -22.49 10.83
C ASP B 120 17.69 -22.52 9.95
N LEU B 121 17.80 -22.00 8.73
CA LEU B 121 16.68 -22.05 7.81
C LEU B 121 16.30 -23.49 7.51
N SER B 122 17.28 -24.38 7.44
CA SER B 122 16.99 -25.78 7.13
C SER B 122 16.08 -26.40 8.19
N GLU B 123 16.46 -26.28 9.46
CA GLU B 123 15.63 -26.83 10.52
C GLU B 123 14.27 -26.13 10.57
N LEU B 124 14.26 -24.81 10.39
CA LEU B 124 13.00 -24.10 10.42
C LEU B 124 12.09 -24.59 9.31
N ALA B 125 12.65 -24.80 8.13
CA ALA B 125 11.86 -25.30 7.01
C ALA B 125 11.38 -26.71 7.28
N LYS B 126 12.20 -27.51 7.96
CA LYS B 126 11.74 -28.84 8.35
C LYS B 126 10.49 -28.73 9.19
N ILE B 127 10.51 -27.84 10.18
CA ILE B 127 9.33 -27.64 11.00
C ILE B 127 8.17 -27.18 10.16
N ALA B 128 8.43 -26.32 9.18
CA ALA B 128 7.37 -25.83 8.32
C ALA B 128 6.73 -26.96 7.53
N ILE B 129 7.55 -27.82 6.93
CA ILE B 129 7.03 -28.93 6.15
C ILE B 129 6.20 -29.84 7.02
N ARG B 130 6.72 -30.19 8.20
CA ARG B 130 5.97 -31.06 9.10
C ARG B 130 4.67 -30.39 9.54
N LEU B 131 4.71 -29.08 9.73
CA LEU B 131 3.49 -28.36 10.08
C LEU B 131 2.46 -28.51 9.00
N VAL B 132 2.88 -28.33 7.75
CA VAL B 132 1.95 -28.47 6.64
C VAL B 132 1.40 -29.88 6.61
N ARG B 133 2.27 -30.87 6.86
CA ARG B 133 1.81 -32.25 6.91
C ARG B 133 0.74 -32.41 7.99
N GLN B 134 0.96 -31.80 9.14
CA GLN B 134 0.00 -31.88 10.24
C GLN B 134 -1.33 -31.23 9.84
N ALA B 135 -1.27 -30.09 9.16
CA ALA B 135 -2.49 -29.43 8.72
C ALA B 135 -3.23 -30.29 7.72
N LEU B 136 -2.51 -30.89 6.79
CA LEU B 136 -3.14 -31.79 5.82
C LEU B 136 -3.79 -32.96 6.52
N LYS B 137 -3.10 -33.52 7.52
CA LYS B 137 -3.63 -34.66 8.26
C LYS B 137 -4.91 -34.27 8.98
N LEU B 138 -4.88 -33.18 9.74
CA LEU B 138 -6.07 -32.71 10.43
C LEU B 138 -7.21 -32.48 9.44
N LEU B 139 -6.91 -31.85 8.31
CA LEU B 139 -7.95 -31.60 7.31
C LEU B 139 -8.52 -32.91 6.82
N GLN B 140 -7.67 -33.89 6.57
CA GLN B 140 -8.14 -35.21 6.21
C GLN B 140 -9.08 -35.74 7.27
N GLU B 141 -8.80 -35.43 8.54
CA GLU B 141 -9.67 -35.80 9.65
C GLU B 141 -10.85 -34.86 9.82
N GLY B 142 -10.81 -33.68 9.19
CA GLY B 142 -11.86 -32.70 9.39
C GLY B 142 -11.79 -31.94 10.69
N ASP B 143 -10.65 -31.98 11.37
CA ASP B 143 -10.49 -31.23 12.62
C ASP B 143 -10.51 -29.73 12.32
N PRO B 144 -11.31 -28.93 13.04
CA PRO B 144 -11.32 -27.48 12.79
C PRO B 144 -9.96 -26.82 12.93
N ARG B 145 -9.04 -27.48 13.62
CA ARG B 145 -7.68 -26.96 13.76
C ARG B 145 -6.93 -26.93 12.44
N ALA B 146 -7.48 -27.51 11.38
CA ALA B 146 -6.79 -27.51 10.09
C ALA B 146 -6.39 -26.09 9.69
N GLU B 147 -7.35 -25.17 9.74
CA GLU B 147 -7.04 -23.79 9.39
C GLU B 147 -6.06 -23.18 10.39
N GLU B 148 -6.25 -23.48 11.68
CA GLU B 148 -5.43 -22.83 12.70
C GLU B 148 -3.96 -23.16 12.51
N ILE B 149 -3.67 -24.43 12.22
CA ILE B 149 -2.28 -24.81 11.98
C ILE B 149 -1.81 -24.34 10.61
N LEU B 150 -2.67 -24.47 9.61
CA LEU B 150 -2.29 -24.08 8.25
C LEU B 150 -1.81 -22.64 8.21
N GLU B 151 -2.51 -21.74 8.89
CA GLU B 151 -2.13 -20.34 8.84
C GLU B 151 -0.72 -20.15 9.38
N ILE B 152 -0.36 -20.84 10.44
CA ILE B 152 1.00 -20.75 10.97
C ILE B 152 1.98 -21.34 9.97
N ALA B 153 1.59 -22.43 9.31
CA ALA B 153 2.44 -22.98 8.27
C ALA B 153 2.75 -21.93 7.21
N LEU B 154 1.70 -21.27 6.73
CA LEU B 154 1.88 -20.24 5.71
C LEU B 154 2.80 -19.15 6.22
N ARG B 155 2.58 -18.69 7.45
CA ARG B 155 3.33 -17.53 7.90
C ARG B 155 4.80 -17.88 8.07
N ILE B 156 5.09 -19.08 8.55
CA ILE B 156 6.48 -19.49 8.63
C ILE B 156 7.09 -19.59 7.24
N ILE B 157 6.31 -20.10 6.27
CA ILE B 157 6.83 -20.23 4.91
C ILE B 157 7.15 -18.86 4.32
N LYS B 158 6.24 -17.91 4.50
CA LYS B 158 6.51 -16.59 4.00
C LYS B 158 7.72 -15.99 4.68
N LEU B 159 7.86 -16.17 5.99
CA LEU B 159 9.04 -15.64 6.66
C LEU B 159 10.30 -16.25 6.07
N ILE B 160 10.29 -17.55 5.85
CA ILE B 160 11.47 -18.22 5.33
C ILE B 160 11.82 -17.65 3.96
N LEU B 161 10.82 -17.53 3.09
CA LEU B 161 11.06 -16.95 1.78
C LEU B 161 11.60 -15.54 1.91
N GLN B 162 11.09 -14.78 2.88
CA GLN B 162 11.57 -13.42 3.05
C GLN B 162 13.04 -13.41 3.39
N LEU B 163 13.46 -14.34 4.25
CA LEU B 163 14.88 -14.41 4.60
C LEU B 163 15.71 -14.85 3.40
N LEU B 164 15.16 -15.71 2.55
CA LEU B 164 15.90 -16.15 1.37
C LEU B 164 16.08 -15.01 0.37
N PHE B 165 15.03 -14.23 0.13
CA PHE B 165 15.16 -13.09 -0.76
C PHE B 165 16.10 -12.06 -0.16
N LEU B 166 16.06 -11.89 1.16
CA LEU B 166 17.02 -11.02 1.80
C LEU B 166 18.44 -11.53 1.59
N LYS B 167 18.64 -12.84 1.68
CA LYS B 167 19.96 -13.40 1.46
C LYS B 167 20.44 -13.15 0.03
N GLN B 168 19.55 -13.33 -0.94
CA GLN B 168 19.94 -13.09 -2.33
C GLN B 168 20.29 -11.62 -2.53
N ARG B 169 19.47 -10.70 -2.03
CA ARG B 169 19.80 -9.29 -2.15
C ARG B 169 21.08 -8.96 -1.41
N ILE B 170 21.38 -9.71 -0.34
CA ILE B 170 22.69 -9.62 0.27
C ILE B 170 23.78 -9.98 -0.73
N GLU B 171 23.57 -11.07 -1.47
CA GLU B 171 24.50 -11.41 -2.54
C GLU B 171 24.56 -10.31 -3.59
N GLU B 172 23.49 -9.53 -3.71
CA GLU B 172 23.46 -8.39 -4.62
C GLU B 172 24.11 -7.18 -3.96
N GLN B 180 16.88 2.26 0.24
CA GLN B 180 17.94 1.29 0.04
C GLN B 180 17.37 -0.09 -0.26
N PHE B 181 18.02 -0.82 -1.17
CA PHE B 181 17.41 -2.00 -1.76
C PHE B 181 17.22 -3.15 -0.78
N VAL B 182 17.84 -3.09 0.41
CA VAL B 182 17.56 -4.06 1.46
C VAL B 182 16.57 -3.55 2.49
N PHE B 183 16.20 -2.27 2.43
CA PHE B 183 15.33 -1.70 3.45
C PHE B 183 13.94 -2.32 3.42
N GLU B 184 13.41 -2.54 2.22
CA GLU B 184 12.06 -3.07 2.09
C GLU B 184 11.91 -4.38 2.84
N ALA B 185 12.91 -5.25 2.71
CA ALA B 185 12.86 -6.51 3.45
C ALA B 185 12.96 -6.26 4.94
N GLU B 186 13.84 -5.35 5.36
CA GLU B 186 13.96 -5.09 6.80
C GLU B 186 12.61 -4.67 7.38
N GLU B 187 11.78 -3.99 6.59
CA GLU B 187 10.45 -3.60 7.06
C GLU B 187 9.46 -4.77 7.00
N LYS B 188 9.35 -5.40 5.83
CA LYS B 188 8.32 -6.41 5.65
C LYS B 188 8.55 -7.63 6.52
N ILE B 189 9.81 -7.99 6.76
CA ILE B 189 10.08 -9.06 7.70
C ILE B 189 9.55 -8.70 9.07
N ARG B 190 9.67 -7.43 9.45
CA ARG B 190 9.17 -7.03 10.76
C ARG B 190 7.66 -7.15 10.84
N ARG B 191 6.96 -6.74 9.78
CA ARG B 191 5.51 -6.90 9.79
C ARG B 191 5.12 -8.36 9.88
N ILE B 192 5.74 -9.21 9.06
CA ILE B 192 5.43 -10.64 9.08
C ILE B 192 5.74 -11.21 10.45
N VAL B 193 6.87 -10.82 11.04
CA VAL B 193 7.26 -11.37 12.32
C VAL B 193 6.23 -11.02 13.38
N GLU B 194 5.80 -9.76 13.41
CA GLU B 194 4.88 -9.36 14.46
C GLU B 194 3.50 -9.95 14.24
N GLU B 195 3.09 -10.14 12.97
CA GLU B 195 1.83 -10.83 12.72
C GLU B 195 1.91 -12.30 13.14
N LEU B 196 3.02 -12.95 12.85
CA LEU B 196 3.23 -14.32 13.29
C LEU B 196 3.16 -14.41 14.81
N PHE B 197 3.83 -13.49 15.51
CA PHE B 197 3.76 -13.46 16.97
C PHE B 197 2.33 -13.24 17.42
N LYS B 198 1.61 -12.33 16.77
CA LYS B 198 0.25 -12.05 17.20
C LYS B 198 -0.61 -13.30 17.08
N LEU B 199 -0.40 -14.08 16.02
CA LEU B 199 -1.15 -15.32 15.89
C LEU B 199 -0.77 -16.31 16.97
N LEU B 200 0.53 -16.49 17.22
CA LEU B 200 0.95 -17.55 18.11
C LEU B 200 0.65 -17.22 19.56
N GLU B 201 0.75 -15.95 19.93
CA GLU B 201 0.64 -15.49 21.31
C GLU B 201 -0.80 -15.18 21.70
N GLY B 202 -1.54 -14.52 20.81
CA GLY B 202 -2.91 -14.15 21.09
C GLY B 202 -3.05 -12.76 21.67
N ASP C 1 -20.93 17.89 -27.15
CA ASP C 1 -20.09 17.79 -25.95
C ASP C 1 -19.49 19.15 -25.62
N ARG C 2 -19.07 19.87 -26.66
CA ARG C 2 -18.45 21.17 -26.44
C ARG C 2 -19.42 22.11 -25.72
N GLU C 3 -20.69 22.09 -26.10
CA GLU C 3 -21.68 22.85 -25.35
C GLU C 3 -21.69 22.44 -23.88
N ILE C 4 -21.51 21.14 -23.63
CA ILE C 4 -21.45 20.67 -22.26
C ILE C 4 -20.21 21.22 -21.56
N LYS C 5 -19.08 21.26 -22.27
CA LYS C 5 -17.88 21.84 -21.68
C LYS C 5 -18.09 23.30 -21.32
N GLU C 6 -18.76 24.05 -22.20
CA GLU C 6 -19.04 25.44 -21.92
C GLU C 6 -19.96 25.59 -20.71
N GLU C 7 -20.98 24.72 -20.63
CA GLU C 7 -21.84 24.73 -19.46
C GLU C 7 -21.04 24.46 -18.19
N ALA C 8 -20.11 23.51 -18.27
CA ALA C 8 -19.25 23.23 -17.13
C ALA C 8 -18.41 24.44 -16.75
N ARG C 9 -17.89 25.15 -17.76
CA ARG C 9 -17.09 26.34 -17.48
C ARG C 9 -17.93 27.38 -16.76
N LYS C 10 -19.17 27.59 -17.21
CA LYS C 10 -20.08 28.50 -16.52
C LYS C 10 -20.31 28.04 -15.10
N LEU C 11 -20.49 26.73 -14.92
CA LEU C 11 -20.70 26.19 -13.58
C LEU C 11 -19.53 26.52 -12.68
N ILE C 12 -18.31 26.32 -13.17
CA ILE C 12 -17.13 26.57 -12.35
C ILE C 12 -17.01 28.06 -12.05
N ARG C 13 -17.34 28.90 -13.02
CA ARG C 13 -17.27 30.34 -12.80
C ARG C 13 -18.21 30.76 -11.67
N GLU C 14 -19.47 30.35 -11.77
CA GLU C 14 -20.43 30.66 -10.70
C GLU C 14 -19.96 30.06 -9.38
N ALA C 15 -19.38 28.86 -9.43
CA ALA C 15 -18.97 28.17 -8.21
C ALA C 15 -17.83 28.88 -7.52
N ILE C 16 -16.95 29.53 -8.26
CA ILE C 16 -15.74 30.03 -7.62
C ILE C 16 -15.68 31.55 -7.72
N GLU C 17 -15.60 32.07 -8.95
CA GLU C 17 -15.34 33.50 -9.10
C GLU C 17 -16.45 34.33 -8.49
N LEU C 18 -17.69 33.83 -8.55
CA LEU C 18 -18.84 34.50 -7.96
C LEU C 18 -19.04 34.00 -6.53
N LEU C 19 -19.12 32.68 -6.38
CA LEU C 19 -19.54 32.07 -5.13
C LEU C 19 -18.51 32.18 -4.01
N GLN C 20 -17.29 32.66 -4.28
CA GLN C 20 -16.33 32.84 -3.20
C GLN C 20 -16.84 33.82 -2.16
N LYS C 21 -17.60 34.83 -2.60
CA LYS C 21 -18.19 35.83 -1.72
C LYS C 21 -19.51 35.39 -1.12
N GLY C 22 -19.98 34.18 -1.43
CA GLY C 22 -21.32 33.78 -1.01
C GLY C 22 -21.39 32.45 -0.31
N ASP C 23 -22.47 31.70 -0.57
CA ASP C 23 -22.76 30.50 0.18
C ASP C 23 -21.60 29.52 0.11
N PRO C 24 -21.06 29.06 1.24
CA PRO C 24 -20.02 28.03 1.18
C PRO C 24 -20.51 26.74 0.53
N ARG C 25 -21.82 26.53 0.44
CA ARG C 25 -22.36 25.36 -0.22
C ARG C 25 -21.91 25.25 -1.67
N ALA C 26 -21.33 26.30 -2.24
CA ALA C 26 -20.90 26.28 -3.64
C ALA C 26 -20.05 25.06 -3.95
N LYS C 27 -19.55 24.37 -2.94
CA LYS C 27 -18.85 23.11 -3.18
C LYS C 27 -19.69 22.17 -4.01
N GLU C 28 -21.01 22.23 -3.86
CA GLU C 28 -21.89 21.41 -4.71
C GLU C 28 -21.68 21.76 -6.18
N ILE C 29 -21.73 23.05 -6.51
CA ILE C 29 -21.58 23.46 -7.90
C ILE C 29 -20.20 23.07 -8.40
N LEU C 30 -19.18 23.28 -7.58
CA LEU C 30 -17.83 22.89 -7.95
C LEU C 30 -17.76 21.41 -8.27
N ARG C 31 -18.40 20.58 -7.43
CA ARG C 31 -18.43 19.16 -7.67
C ARG C 31 -19.05 18.85 -9.01
N GLN C 32 -20.20 19.46 -9.29
CA GLN C 32 -20.86 19.20 -10.56
C GLN C 32 -19.95 19.59 -11.72
N ALA C 33 -19.26 20.72 -11.61
CA ALA C 33 -18.41 21.18 -12.70
C ALA C 33 -17.28 20.20 -12.97
N ILE C 34 -16.57 19.79 -11.92
CA ILE C 34 -15.47 18.87 -12.11
C ILE C 34 -15.97 17.55 -12.66
N LEU C 35 -17.15 17.13 -12.19
CA LEU C 35 -17.74 15.89 -12.66
C LEU C 35 -17.99 15.97 -14.15
N ILE C 36 -18.51 17.10 -14.61
CA ILE C 36 -18.79 17.27 -16.02
C ILE C 36 -17.50 17.27 -16.83
N LEU C 37 -16.45 17.87 -16.28
CA LEU C 37 -15.17 17.89 -17.01
C LEU C 37 -14.63 16.47 -17.19
N LEU C 38 -14.63 15.68 -16.12
CA LEU C 38 -14.19 14.30 -16.24
C LEU C 38 -15.03 13.56 -17.26
N ALA C 39 -16.34 13.71 -17.19
CA ALA C 39 -17.22 13.01 -18.11
C ALA C 39 -16.90 13.37 -19.55
N ILE C 40 -16.70 14.65 -19.82
CA ILE C 40 -16.44 15.09 -21.18
C ILE C 40 -15.16 14.45 -21.69
N ARG C 41 -14.09 14.48 -20.88
CA ARG C 41 -12.85 13.85 -21.31
C ARG C 41 -13.07 12.36 -21.59
N LEU C 42 -13.85 11.71 -20.73
CA LEU C 42 -14.04 10.28 -20.86
C LEU C 42 -14.72 9.94 -22.16
N LEU C 43 -15.80 10.66 -22.48
CA LEU C 43 -16.49 10.43 -23.74
C LEU C 43 -15.59 10.75 -24.93
N GLU C 44 -14.79 11.81 -24.81
CA GLU C 44 -13.90 12.16 -25.91
C GLU C 44 -12.99 10.99 -26.25
N GLU C 45 -12.42 10.34 -25.24
CA GLU C 45 -11.57 9.18 -25.54
C GLU C 45 -12.40 7.98 -26.00
N MET C 46 -13.59 7.81 -25.43
CA MET C 46 -14.37 6.62 -25.76
C MET C 46 -14.82 6.65 -27.22
N GLU C 47 -15.06 7.83 -27.78
CA GLU C 47 -15.51 7.85 -29.16
C GLU C 47 -14.43 7.33 -30.11
N GLU C 48 -13.15 7.48 -29.76
CA GLU C 48 -12.11 6.81 -30.54
C GLU C 48 -12.07 5.32 -30.21
N ASN C 49 -12.28 4.98 -28.95
CA ASN C 49 -12.31 3.57 -28.61
C ASN C 49 -13.47 2.84 -29.29
N ILE C 50 -14.47 3.57 -29.75
CA ILE C 50 -15.53 2.96 -30.56
C ILE C 50 -14.97 2.51 -31.89
N GLU C 51 -14.16 3.36 -32.53
CA GLU C 51 -13.51 2.94 -33.76
C GLU C 51 -12.64 1.72 -33.49
N LYS C 52 -11.96 1.72 -32.35
CA LYS C 52 -11.23 0.52 -31.94
C LYS C 52 -12.14 -0.69 -31.95
N ALA C 53 -13.30 -0.57 -31.30
CA ALA C 53 -14.22 -1.69 -31.18
C ALA C 53 -14.65 -2.19 -32.55
N GLU C 54 -14.97 -1.27 -33.46
CA GLU C 54 -15.44 -1.68 -34.77
C GLU C 54 -14.35 -2.41 -35.52
N LYS C 55 -13.12 -1.90 -35.46
CA LYS C 55 -12.01 -2.64 -36.05
C LYS C 55 -11.80 -3.96 -35.31
N LEU C 56 -12.13 -4.01 -34.02
CA LEU C 56 -12.16 -5.27 -33.30
C LEU C 56 -13.34 -6.14 -33.69
N GLY C 57 -14.34 -5.57 -34.36
CA GLY C 57 -15.40 -6.37 -34.95
C GLY C 57 -16.26 -7.14 -33.99
N ASN C 58 -16.59 -6.57 -32.83
CA ASN C 58 -17.59 -7.15 -31.95
C ASN C 58 -18.75 -6.19 -31.82
N GLU C 59 -19.92 -6.61 -32.28
CA GLU C 59 -21.09 -5.73 -32.26
C GLU C 59 -21.64 -5.57 -30.85
N GLU C 60 -21.47 -6.57 -30.00
CA GLU C 60 -21.96 -6.45 -28.63
C GLU C 60 -21.27 -5.30 -27.92
N LEU C 61 -19.95 -5.23 -28.02
CA LEU C 61 -19.23 -4.13 -27.40
C LEU C 61 -19.62 -2.80 -28.03
N SER C 62 -19.80 -2.77 -29.36
CA SER C 62 -20.16 -1.53 -30.01
C SER C 62 -21.51 -1.02 -29.51
N GLU C 63 -22.49 -1.90 -29.39
CA GLU C 63 -23.77 -1.50 -28.84
C GLU C 63 -23.61 -1.05 -27.40
N LEU C 64 -22.83 -1.77 -26.62
CA LEU C 64 -22.55 -1.35 -25.26
C LEU C 64 -22.07 0.09 -25.24
N ALA C 65 -21.09 0.38 -26.08
CA ALA C 65 -20.52 1.72 -26.11
C ALA C 65 -21.57 2.74 -26.49
N LYS C 66 -22.34 2.46 -27.53
CA LYS C 66 -23.30 3.44 -28.02
C LYS C 66 -24.38 3.73 -26.98
N ARG C 67 -24.91 2.68 -26.37
CA ARG C 67 -25.93 2.87 -25.34
C ARG C 67 -25.35 3.60 -24.14
N ALA C 68 -24.12 3.28 -23.76
CA ALA C 68 -23.50 3.97 -22.64
C ALA C 68 -23.31 5.45 -22.96
N ILE C 69 -22.88 5.75 -24.18
CA ILE C 69 -22.70 7.14 -24.58
C ILE C 69 -24.01 7.88 -24.47
N LYS C 70 -25.07 7.29 -25.00
CA LYS C 70 -26.37 7.96 -24.95
C LYS C 70 -26.84 8.12 -23.51
N LEU C 71 -26.59 7.11 -22.68
CA LEU C 71 -26.91 7.22 -21.26
C LEU C 71 -26.21 8.42 -20.65
N VAL C 72 -24.91 8.55 -20.89
CA VAL C 72 -24.16 9.63 -20.26
C VAL C 72 -24.68 10.97 -20.73
N ARG C 73 -24.91 11.11 -22.03
CA ARG C 73 -25.36 12.40 -22.56
C ARG C 73 -26.75 12.74 -22.03
N GLU C 74 -27.63 11.75 -21.92
CA GLU C 74 -28.94 11.98 -21.33
C GLU C 74 -28.78 12.45 -19.89
N ALA C 75 -27.88 11.82 -19.16
CA ALA C 75 -27.66 12.21 -17.78
C ALA C 75 -27.14 13.64 -17.69
N LEU C 76 -26.28 14.02 -18.63
CA LEU C 76 -25.76 15.39 -18.64
C LEU C 76 -26.87 16.38 -18.91
N GLU C 77 -27.73 16.08 -19.89
CA GLU C 77 -28.83 16.98 -20.19
C GLU C 77 -29.76 17.11 -18.99
N LEU C 78 -30.02 16.01 -18.29
CA LEU C 78 -30.83 16.07 -17.09
C LEU C 78 -30.16 16.93 -16.02
N LEU C 79 -28.86 16.68 -15.78
CA LEU C 79 -28.13 17.45 -14.79
C LEU C 79 -28.17 18.93 -15.11
N LYS C 80 -28.22 19.28 -16.39
CA LYS C 80 -28.39 20.67 -16.77
C LYS C 80 -29.63 21.25 -16.10
N GLU C 81 -30.62 20.40 -15.83
CA GLU C 81 -31.86 20.86 -15.20
C GLU C 81 -31.82 20.67 -13.68
N GLY C 82 -31.48 19.50 -13.21
CA GLY C 82 -31.51 19.21 -11.79
C GLY C 82 -31.77 17.73 -11.55
N ASP C 83 -32.81 17.44 -10.78
CA ASP C 83 -33.15 16.05 -10.48
C ASP C 83 -31.99 15.32 -9.79
N PRO C 84 -31.80 15.53 -8.49
CA PRO C 84 -30.63 14.94 -7.80
C PRO C 84 -30.34 13.50 -8.19
N ARG C 85 -31.33 12.75 -8.65
CA ARG C 85 -31.05 11.40 -9.15
C ARG C 85 -30.08 11.42 -10.32
N ALA C 86 -29.96 12.58 -10.99
CA ALA C 86 -28.95 12.73 -12.02
C ALA C 86 -27.56 12.46 -11.47
N GLU C 87 -27.31 12.80 -10.21
CA GLU C 87 -25.98 12.53 -9.64
C GLU C 87 -25.68 11.05 -9.64
N GLU C 88 -26.59 10.25 -9.08
CA GLU C 88 -26.39 8.82 -9.03
C GLU C 88 -26.25 8.26 -10.43
N ILE C 89 -27.15 8.67 -11.32
CA ILE C 89 -27.16 8.08 -12.65
C ILE C 89 -25.86 8.42 -13.38
N LEU C 90 -25.38 9.65 -13.24
CA LEU C 90 -24.15 10.04 -13.93
C LEU C 90 -22.96 9.27 -13.39
N LYS C 91 -22.87 9.14 -12.07
CA LYS C 91 -21.79 8.34 -11.52
C LYS C 91 -21.83 6.92 -12.07
N LEU C 92 -23.02 6.30 -12.05
CA LEU C 92 -23.13 4.93 -12.54
C LEU C 92 -22.74 4.85 -14.00
N ALA C 93 -23.16 5.83 -14.81
CA ALA C 93 -22.88 5.79 -16.23
C ALA C 93 -21.40 5.91 -16.49
N LEU C 94 -20.72 6.75 -15.72
CA LEU C 94 -19.27 6.86 -15.91
C LEU C 94 -18.58 5.57 -15.50
N LYS C 95 -19.01 4.96 -14.40
CA LYS C 95 -18.42 3.68 -14.04
C LYS C 95 -18.65 2.66 -15.14
N ILE C 96 -19.82 2.70 -15.77
CA ILE C 96 -20.12 1.77 -16.85
C ILE C 96 -19.17 1.99 -18.01
N ILE C 97 -18.98 3.24 -18.40
CA ILE C 97 -18.09 3.51 -19.53
C ILE C 97 -16.67 3.09 -19.19
N LYS C 98 -16.26 3.34 -17.96
CA LYS C 98 -14.99 2.81 -17.49
C LYS C 98 -14.91 1.31 -17.73
N ALA C 99 -15.97 0.60 -17.35
CA ALA C 99 -15.99 -0.84 -17.50
C ALA C 99 -15.94 -1.25 -18.96
N ILE C 100 -16.53 -0.45 -19.85
CA ILE C 100 -16.55 -0.81 -21.27
C ILE C 100 -15.18 -0.58 -21.91
N LEU C 101 -14.52 0.52 -21.57
CA LEU C 101 -13.16 0.71 -22.05
C LEU C 101 -12.27 -0.41 -21.54
N LEU C 102 -12.40 -0.73 -20.25
CA LEU C 102 -11.67 -1.84 -19.68
C LEU C 102 -11.98 -3.11 -20.44
N LEU C 103 -13.23 -3.27 -20.86
CA LEU C 103 -13.61 -4.44 -21.63
C LEU C 103 -12.87 -4.49 -22.94
N LEU C 104 -12.75 -3.36 -23.63
CA LEU C 104 -12.04 -3.38 -24.91
C LEU C 104 -10.59 -3.76 -24.71
N GLU C 105 -9.96 -3.23 -23.66
CA GLU C 105 -8.60 -3.64 -23.33
C GLU C 105 -8.55 -5.14 -23.05
N MET C 106 -9.53 -5.64 -22.30
CA MET C 106 -9.57 -7.05 -21.96
C MET C 106 -9.72 -7.90 -23.22
N TYR C 107 -10.57 -7.46 -24.13
CA TYR C 107 -10.82 -8.20 -25.37
C TYR C 107 -9.56 -8.26 -26.22
N GLU C 108 -8.88 -7.13 -26.35
CA GLU C 108 -7.63 -7.15 -27.09
C GLU C 108 -6.64 -8.09 -26.43
N ASN C 109 -6.60 -8.12 -25.10
CA ASN C 109 -5.74 -9.10 -24.44
C ASN C 109 -6.19 -10.51 -24.77
N ILE C 110 -7.50 -10.77 -24.66
CA ILE C 110 -8.05 -12.11 -24.84
C ILE C 110 -7.81 -12.60 -26.24
N LYS C 111 -7.43 -11.71 -27.15
CA LYS C 111 -6.85 -12.19 -28.40
C LYS C 111 -5.73 -13.17 -28.11
N GLN C 112 -4.90 -12.88 -27.10
CA GLN C 112 -3.86 -13.82 -26.71
C GLN C 112 -4.45 -15.14 -26.28
N ALA C 113 -5.51 -15.12 -25.47
CA ALA C 113 -6.09 -16.37 -25.00
C ALA C 113 -6.63 -17.19 -26.16
N GLU C 114 -7.27 -16.54 -27.13
CA GLU C 114 -7.77 -17.25 -28.29
C GLU C 114 -6.61 -17.89 -29.03
N GLU C 115 -5.48 -17.19 -29.12
CA GLU C 115 -4.29 -17.81 -29.68
C GLU C 115 -3.89 -19.02 -28.86
N LEU C 116 -4.06 -18.94 -27.54
CA LEU C 116 -3.72 -20.06 -26.67
C LEU C 116 -4.82 -21.12 -26.62
N GLY C 117 -6.07 -20.72 -26.82
CA GLY C 117 -7.17 -21.64 -26.62
C GLY C 117 -7.58 -21.83 -25.17
N ASP C 118 -7.42 -20.79 -24.34
CA ASP C 118 -7.89 -20.85 -22.96
C ASP C 118 -9.40 -20.70 -22.92
N GLU C 119 -10.11 -21.74 -23.37
CA GLU C 119 -11.57 -21.69 -23.47
C GLU C 119 -12.20 -21.37 -22.12
N ASP C 120 -11.53 -21.72 -21.03
CA ASP C 120 -12.05 -21.35 -19.72
C ASP C 120 -12.19 -19.84 -19.60
N LEU C 121 -11.12 -19.11 -19.92
CA LEU C 121 -11.21 -17.66 -19.90
C LEU C 121 -12.22 -17.16 -20.92
N SER C 122 -12.33 -17.85 -22.05
CA SER C 122 -13.28 -17.43 -23.07
C SER C 122 -14.71 -17.45 -22.53
N GLU C 123 -15.12 -18.59 -21.97
CA GLU C 123 -16.47 -18.67 -21.40
C GLU C 123 -16.65 -17.69 -20.27
N LEU C 124 -15.63 -17.56 -19.41
CA LEU C 124 -15.75 -16.64 -18.29
C LEU C 124 -15.93 -15.22 -18.79
N ALA C 125 -15.17 -14.84 -19.82
CA ALA C 125 -15.29 -13.50 -20.38
C ALA C 125 -16.66 -13.33 -21.03
N LYS C 126 -17.19 -14.38 -21.65
CA LYS C 126 -18.53 -14.29 -22.21
C LYS C 126 -19.51 -13.93 -21.11
N ILE C 127 -19.40 -14.62 -19.97
CA ILE C 127 -20.29 -14.31 -18.85
C ILE C 127 -20.09 -12.88 -18.41
N ALA C 128 -18.84 -12.42 -18.38
CA ALA C 128 -18.59 -11.05 -17.96
C ALA C 128 -19.24 -10.05 -18.90
N ILE C 129 -19.10 -10.26 -20.21
CA ILE C 129 -19.68 -9.35 -21.18
C ILE C 129 -21.18 -9.31 -21.02
N ARG C 130 -21.80 -10.49 -20.92
CA ARG C 130 -23.26 -10.52 -20.77
C ARG C 130 -23.67 -9.89 -19.45
N LEU C 131 -22.85 -10.04 -18.41
CA LEU C 131 -23.15 -9.39 -17.14
C LEU C 131 -23.18 -7.89 -17.31
N VAL C 132 -22.19 -7.36 -18.02
CA VAL C 132 -22.16 -5.92 -18.25
C VAL C 132 -23.38 -5.51 -19.05
N ARG C 133 -23.75 -6.31 -20.05
CA ARG C 133 -24.95 -6.03 -20.82
C ARG C 133 -26.15 -5.97 -19.90
N GLN C 134 -26.24 -6.90 -18.95
CA GLN C 134 -27.36 -6.93 -18.01
C GLN C 134 -27.35 -5.69 -17.13
N ALA C 135 -26.17 -5.26 -16.68
CA ALA C 135 -26.09 -4.06 -15.86
C ALA C 135 -26.53 -2.84 -16.64
N LEU C 136 -26.09 -2.74 -17.89
CA LEU C 136 -26.51 -1.63 -18.73
C LEU C 136 -28.01 -1.66 -18.95
N LYS C 137 -28.57 -2.85 -19.16
CA LYS C 137 -30.00 -2.99 -19.37
C LYS C 137 -30.77 -2.54 -18.15
N LEU C 138 -30.39 -3.04 -16.98
CA LEU C 138 -31.05 -2.63 -15.75
C LEU C 138 -30.94 -1.12 -15.56
N LEU C 139 -29.77 -0.55 -15.81
CA LEU C 139 -29.59 0.88 -15.66
C LEU C 139 -30.51 1.64 -16.59
N GLN C 140 -30.61 1.17 -17.83
CA GLN C 140 -31.57 1.72 -18.76
C GLN C 140 -32.97 1.67 -18.17
N GLU C 141 -33.28 0.58 -17.46
CA GLU C 141 -34.55 0.42 -16.77
C GLU C 141 -34.60 1.12 -15.42
N GLY C 142 -33.46 1.58 -14.91
CA GLY C 142 -33.44 2.25 -13.62
C GLY C 142 -33.56 1.32 -12.43
N ASP C 143 -33.36 0.02 -12.62
CA ASP C 143 -33.40 -0.92 -11.50
C ASP C 143 -32.19 -0.72 -10.61
N PRO C 144 -32.35 -0.49 -9.30
CA PRO C 144 -31.17 -0.31 -8.44
C PRO C 144 -30.19 -1.48 -8.48
N ARG C 145 -30.60 -2.64 -8.99
CA ARG C 145 -29.66 -3.74 -9.17
C ARG C 145 -28.54 -3.39 -10.13
N ALA C 146 -28.65 -2.26 -10.84
CA ALA C 146 -27.61 -1.88 -11.78
C ALA C 146 -26.24 -1.90 -11.12
N GLU C 147 -26.12 -1.23 -9.97
CA GLU C 147 -24.84 -1.22 -9.26
C GLU C 147 -24.46 -2.62 -8.79
N GLU C 148 -25.43 -3.37 -8.30
CA GLU C 148 -25.12 -4.67 -7.71
C GLU C 148 -24.51 -5.60 -8.74
N ILE C 149 -25.12 -5.66 -9.93
CA ILE C 149 -24.57 -6.49 -10.99
C ILE C 149 -23.28 -5.90 -11.53
N LEU C 150 -23.24 -4.58 -11.69
CA LEU C 150 -22.07 -3.95 -12.29
C LEU C 150 -20.82 -4.25 -11.48
N GLU C 151 -20.92 -4.20 -10.15
CA GLU C 151 -19.75 -4.45 -9.33
C GLU C 151 -19.21 -5.85 -9.57
N ILE C 152 -20.09 -6.84 -9.71
CA ILE C 152 -19.64 -8.19 -10.01
C ILE C 152 -19.00 -8.23 -11.39
N ALA C 153 -19.58 -7.50 -12.33
CA ALA C 153 -18.97 -7.42 -13.66
C ALA C 153 -17.55 -6.93 -13.56
N LEU C 154 -17.35 -5.83 -12.84
CA LEU C 154 -16.01 -5.28 -12.70
C LEU C 154 -15.09 -6.28 -12.05
N ARG C 155 -15.53 -6.93 -10.99
CA ARG C 155 -14.61 -7.80 -10.27
C ARG C 155 -14.21 -8.99 -11.11
N ILE C 156 -15.15 -9.53 -11.88
CA ILE C 156 -14.79 -10.62 -12.78
C ILE C 156 -13.83 -10.12 -13.84
N ILE C 157 -14.02 -8.90 -14.34
CA ILE C 157 -13.13 -8.37 -15.37
C ILE C 157 -11.73 -8.20 -14.82
N LYS C 158 -11.61 -7.64 -13.63
CA LYS C 158 -10.29 -7.49 -13.04
C LYS C 158 -9.66 -8.86 -12.83
N LEU C 159 -10.42 -9.84 -12.36
CA LEU C 159 -9.83 -11.17 -12.17
C LEU C 159 -9.31 -11.70 -13.50
N ILE C 160 -10.12 -11.55 -14.56
CA ILE C 160 -9.71 -12.08 -15.85
C ILE C 160 -8.42 -11.41 -16.30
N LEU C 161 -8.36 -10.10 -16.18
CA LEU C 161 -7.13 -9.39 -16.55
C LEU C 161 -5.96 -9.88 -15.70
N GLN C 162 -6.20 -10.15 -14.42
CA GLN C 162 -5.13 -10.61 -13.57
C GLN C 162 -4.59 -11.94 -14.08
N LEU C 163 -5.48 -12.83 -14.50
CA LEU C 163 -5.02 -14.11 -15.02
C LEU C 163 -4.28 -13.93 -16.33
N LEU C 164 -4.70 -12.97 -17.15
CA LEU C 164 -4.01 -12.72 -18.42
C LEU C 164 -2.60 -12.19 -18.17
N PHE C 165 -2.45 -11.25 -17.24
CA PHE C 165 -1.12 -10.75 -16.93
C PHE C 165 -0.27 -11.83 -16.29
N LEU C 166 -0.88 -12.72 -15.50
CA LEU C 166 -0.13 -13.86 -14.99
C LEU C 166 0.34 -14.73 -16.14
N LYS C 167 -0.53 -14.95 -17.14
CA LYS C 167 -0.14 -15.74 -18.29
C LYS C 167 1.02 -15.10 -19.03
N GLN C 168 0.98 -13.79 -19.21
CA GLN C 168 2.08 -13.11 -19.89
C GLN C 168 3.37 -13.25 -19.09
N ARG C 169 3.29 -13.06 -17.77
CA ARG C 169 4.46 -13.31 -16.93
C ARG C 169 4.96 -14.73 -17.12
N ILE C 170 4.04 -15.68 -17.28
CA ILE C 170 4.43 -17.05 -17.57
C ILE C 170 5.21 -17.10 -18.87
N GLU C 171 4.77 -16.36 -19.88
CA GLU C 171 5.56 -16.24 -21.11
C GLU C 171 6.91 -15.58 -20.84
N GLU C 172 6.98 -14.73 -19.81
CA GLU C 172 8.23 -14.11 -19.41
C GLU C 172 9.06 -15.08 -18.58
N GLN C 180 9.79 -12.65 -6.06
CA GLN C 180 9.73 -13.28 -7.36
C GLN C 180 8.65 -12.63 -8.23
N PHE C 181 8.95 -12.48 -9.52
CA PHE C 181 8.14 -11.63 -10.38
C PHE C 181 6.71 -12.13 -10.55
N VAL C 182 6.46 -13.42 -10.31
CA VAL C 182 5.09 -13.94 -10.34
C VAL C 182 4.39 -13.86 -8.99
N PHE C 183 5.11 -13.54 -7.92
CA PHE C 183 4.54 -13.60 -6.58
C PHE C 183 3.43 -12.57 -6.39
N GLU C 184 3.66 -11.35 -6.85
CA GLU C 184 2.69 -10.29 -6.63
C GLU C 184 1.34 -10.66 -7.21
N ALA C 185 1.33 -11.29 -8.38
CA ALA C 185 0.07 -11.74 -8.94
C ALA C 185 -0.54 -12.82 -8.06
N GLU C 186 0.27 -13.77 -7.59
CA GLU C 186 -0.27 -14.82 -6.75
C GLU C 186 -0.96 -14.24 -5.52
N GLU C 187 -0.49 -13.09 -5.03
CA GLU C 187 -1.13 -12.46 -3.87
C GLU C 187 -2.37 -11.67 -4.28
N LYS C 188 -2.23 -10.78 -5.25
CA LYS C 188 -3.33 -9.89 -5.58
C LYS C 188 -4.51 -10.67 -6.15
N ILE C 189 -4.25 -11.76 -6.87
CA ILE C 189 -5.36 -12.59 -7.32
C ILE C 189 -6.11 -13.13 -6.11
N ARG C 190 -5.39 -13.47 -5.04
CA ARG C 190 -6.07 -14.00 -3.87
C ARG C 190 -6.94 -12.93 -3.22
N ARG C 191 -6.44 -11.71 -3.13
CA ARG C 191 -7.27 -10.64 -2.57
C ARG C 191 -8.51 -10.41 -3.42
N ILE C 192 -8.33 -10.32 -4.74
CA ILE C 192 -9.48 -10.11 -5.63
C ILE C 192 -10.47 -11.26 -5.50
N VAL C 193 -9.95 -12.49 -5.45
CA VAL C 193 -10.82 -13.65 -5.38
C VAL C 193 -11.65 -13.60 -4.11
N GLU C 194 -11.02 -13.30 -2.97
CA GLU C 194 -11.77 -13.33 -1.72
C GLU C 194 -12.73 -12.15 -1.63
N GLU C 195 -12.39 -11.00 -2.21
CA GLU C 195 -13.36 -9.91 -2.27
C GLU C 195 -14.53 -10.25 -3.17
N LEU C 196 -14.26 -10.90 -4.30
CA LEU C 196 -15.34 -11.35 -5.18
C LEU C 196 -16.26 -12.31 -4.44
N PHE C 197 -15.69 -13.28 -3.73
CA PHE C 197 -16.50 -14.20 -2.94
C PHE C 197 -17.28 -13.46 -1.87
N LYS C 198 -16.65 -12.48 -1.22
CA LYS C 198 -17.34 -11.75 -0.18
C LYS C 198 -18.56 -11.05 -0.74
N LEU C 199 -18.44 -10.49 -1.94
CA LEU C 199 -19.60 -9.87 -2.57
C LEU C 199 -20.67 -10.91 -2.90
N LEU C 200 -20.27 -12.01 -3.53
CA LEU C 200 -21.25 -12.94 -4.05
C LEU C 200 -21.97 -13.71 -2.95
N GLU C 201 -21.26 -14.04 -1.88
CA GLU C 201 -21.76 -14.90 -0.82
C GLU C 201 -22.42 -14.09 0.29
N GLY C 202 -21.77 -13.02 0.74
CA GLY C 202 -22.31 -12.19 1.80
C GLY C 202 -21.71 -12.50 3.15
N ASP D 1 16.59 33.77 8.99
CA ASP D 1 16.27 32.37 9.21
C ASP D 1 17.31 31.72 10.10
N ARG D 2 18.57 32.07 9.85
CA ARG D 2 19.65 31.50 10.63
C ARG D 2 19.43 31.73 12.12
N GLU D 3 18.95 32.92 12.48
CA GLU D 3 18.56 33.15 13.87
C GLU D 3 17.52 32.14 14.32
N ILE D 4 16.59 31.81 13.42
CA ILE D 4 15.57 30.83 13.75
C ILE D 4 16.20 29.45 13.91
N LYS D 5 17.19 29.13 13.07
CA LYS D 5 17.89 27.86 13.22
C LYS D 5 18.58 27.77 14.57
N GLU D 6 19.22 28.86 14.98
CA GLU D 6 19.89 28.88 16.28
C GLU D 6 18.88 28.74 17.40
N GLU D 7 17.73 29.41 17.30
CA GLU D 7 16.68 29.25 18.29
C GLU D 7 16.21 27.81 18.35
N ALA D 8 16.08 27.17 17.19
CA ALA D 8 15.71 25.77 17.15
C ALA D 8 16.76 24.91 17.85
N ARG D 9 18.04 25.20 17.61
CA ARG D 9 19.10 24.43 18.25
C ARG D 9 19.01 24.55 19.76
N LYS D 10 18.76 25.78 20.25
CA LYS D 10 18.58 25.98 21.68
C LYS D 10 17.39 25.18 22.19
N LEU D 11 16.29 25.19 21.42
CA LEU D 11 15.11 24.46 21.83
C LEU D 11 15.42 22.97 21.96
N ILE D 12 16.14 22.41 20.98
CA ILE D 12 16.47 21.00 21.02
C ILE D 12 17.38 20.69 22.19
N ARG D 13 18.34 21.58 22.46
CA ARG D 13 19.24 21.36 23.59
C ARG D 13 18.47 21.28 24.89
N GLU D 14 17.61 22.27 25.13
CA GLU D 14 16.80 22.26 26.34
C GLU D 14 15.90 21.03 26.38
N ALA D 15 15.34 20.65 25.23
CA ALA D 15 14.42 19.53 25.17
C ALA D 15 15.09 18.20 25.47
N ILE D 16 16.37 18.06 25.13
CA ILE D 16 16.97 16.74 25.24
C ILE D 16 18.09 16.76 26.26
N GLU D 17 19.16 17.50 25.97
CA GLU D 17 20.35 17.39 26.81
C GLU D 17 20.07 17.80 28.24
N LEU D 18 19.15 18.74 28.42
CA LEU D 18 18.74 19.19 29.75
C LEU D 18 17.53 18.38 30.20
N LEU D 19 16.49 18.35 29.37
CA LEU D 19 15.19 17.83 29.77
C LEU D 19 15.16 16.31 29.92
N GLN D 20 16.22 15.59 29.55
CA GLN D 20 16.23 14.15 29.79
C GLN D 20 16.11 13.85 31.26
N LYS D 21 16.70 14.67 32.11
CA LYS D 21 16.62 14.54 33.55
C LYS D 21 15.38 15.19 34.13
N GLY D 22 14.53 15.79 33.31
CA GLY D 22 13.41 16.56 33.82
C GLY D 22 12.05 16.12 33.31
N ASP D 23 11.16 17.08 33.11
CA ASP D 23 9.77 16.77 32.81
C ASP D 23 9.66 15.94 31.54
N PRO D 24 9.01 14.78 31.58
CA PRO D 24 8.80 14.03 30.34
C PRO D 24 8.03 14.81 29.30
N ARG D 25 7.32 15.86 29.70
CA ARG D 25 6.58 16.69 28.75
C ARG D 25 7.48 17.32 27.69
N ALA D 26 8.80 17.28 27.88
CA ALA D 26 9.72 17.92 26.95
C ALA D 26 9.48 17.50 25.51
N LYS D 27 8.69 16.45 25.29
CA LYS D 27 8.30 16.07 23.95
C LYS D 27 7.69 17.26 23.24
N GLU D 28 7.00 18.14 23.98
CA GLU D 28 6.48 19.36 23.36
C GLU D 28 7.59 20.19 22.76
N ILE D 29 8.63 20.47 23.54
CA ILE D 29 9.72 21.31 23.06
C ILE D 29 10.40 20.61 21.88
N LEU D 30 10.59 19.30 21.98
CA LEU D 30 11.19 18.55 20.88
C LEU D 30 10.37 18.70 19.61
N ARG D 31 9.04 18.61 19.74
CA ARG D 31 8.17 18.80 18.60
C ARG D 31 8.39 20.17 17.99
N GLN D 32 8.41 21.20 18.83
CA GLN D 32 8.60 22.55 18.30
C GLN D 32 9.93 22.65 17.56
N ALA D 33 10.98 22.05 18.12
CA ALA D 33 12.30 22.15 17.50
C ALA D 33 12.31 21.51 16.13
N ILE D 34 11.81 20.28 16.04
CA ILE D 34 11.82 19.60 14.76
C ILE D 34 10.96 20.35 13.77
N LEU D 35 9.84 20.90 14.23
CA LEU D 35 8.96 21.67 13.37
C LEU D 35 9.69 22.85 12.80
N ILE D 36 10.47 23.54 13.64
CA ILE D 36 11.21 24.70 13.17
C ILE D 36 12.26 24.28 12.16
N LEU D 37 12.91 23.13 12.39
CA LEU D 37 13.93 22.67 11.43
C LEU D 37 13.31 22.41 10.06
N LEU D 38 12.20 21.69 10.03
CA LEU D 38 11.53 21.44 8.75
C LEU D 38 11.14 22.74 8.09
N ALA D 39 10.56 23.66 8.86
CA ALA D 39 10.13 24.93 8.28
C ALA D 39 11.31 25.68 7.66
N ILE D 40 12.42 25.73 8.39
CA ILE D 40 13.57 26.47 7.89
C ILE D 40 14.05 25.86 6.58
N ARG D 41 14.16 24.54 6.51
CA ARG D 41 14.59 23.92 5.27
C ARG D 41 13.62 24.24 4.14
N LEU D 42 12.32 24.22 4.46
CA LEU D 42 11.31 24.44 3.44
C LEU D 42 11.44 25.84 2.84
N LEU D 43 11.57 26.84 3.70
CA LEU D 43 11.75 28.21 3.22
C LEU D 43 13.04 28.34 2.43
N GLU D 44 14.11 27.69 2.91
CA GLU D 44 15.38 27.78 2.20
C GLU D 44 15.22 27.33 0.76
N GLU D 45 14.53 26.21 0.54
CA GLU D 45 14.33 25.77 -0.84
C GLU D 45 13.35 26.68 -1.58
N MET D 46 12.34 27.18 -0.88
CA MET D 46 11.32 27.97 -1.56
C MET D 46 11.90 29.28 -2.08
N GLU D 47 12.88 29.84 -1.39
CA GLU D 47 13.41 31.11 -1.88
C GLU D 47 14.08 30.94 -3.25
N GLU D 48 14.67 29.78 -3.52
CA GLU D 48 15.15 29.51 -4.88
C GLU D 48 13.98 29.24 -5.81
N ASN D 49 12.96 28.55 -5.32
CA ASN D 49 11.81 28.34 -6.17
C ASN D 49 11.12 29.65 -6.51
N ILE D 50 11.39 30.71 -5.76
CA ILE D 50 10.88 32.03 -6.15
C ILE D 50 11.60 32.52 -7.41
N GLU D 51 12.91 32.32 -7.48
CA GLU D 51 13.60 32.64 -8.72
C GLU D 51 13.02 31.82 -9.86
N LYS D 52 12.71 30.55 -9.59
CA LYS D 52 11.99 29.75 -10.58
C LYS D 52 10.73 30.46 -11.02
N ALA D 53 9.90 30.88 -10.06
CA ALA D 53 8.63 31.52 -10.37
C ALA D 53 8.83 32.74 -11.26
N GLU D 54 9.80 33.58 -10.91
CA GLU D 54 10.00 34.80 -11.68
C GLU D 54 10.42 34.47 -13.10
N LYS D 55 11.34 33.52 -13.26
CA LYS D 55 11.68 33.09 -14.61
C LYS D 55 10.49 32.43 -15.29
N LEU D 56 9.61 31.82 -14.50
CA LEU D 56 8.34 31.35 -15.04
C LEU D 56 7.37 32.49 -15.32
N GLY D 57 7.63 33.67 -14.76
CA GLY D 57 6.92 34.87 -15.16
C GLY D 57 5.44 34.91 -14.82
N ASN D 58 5.03 34.35 -13.69
CA ASN D 58 3.67 34.52 -13.20
C ASN D 58 3.69 35.33 -11.91
N GLU D 59 3.03 36.48 -11.93
CA GLU D 59 3.02 37.36 -10.77
C GLU D 59 2.11 36.81 -9.67
N GLU D 60 1.04 36.10 -10.04
CA GLU D 60 0.16 35.55 -9.03
C GLU D 60 0.90 34.57 -8.15
N LEU D 61 1.67 33.66 -8.76
CA LEU D 61 2.42 32.70 -7.97
C LEU D 61 3.50 33.39 -7.16
N SER D 62 4.13 34.41 -7.72
CA SER D 62 5.16 35.14 -6.97
C SER D 62 4.57 35.79 -5.73
N GLU D 63 3.41 36.42 -5.87
CA GLU D 63 2.74 37.00 -4.71
C GLU D 63 2.38 35.90 -3.71
N LEU D 64 1.84 34.79 -4.21
CA LEU D 64 1.54 33.67 -3.33
C LEU D 64 2.78 33.31 -2.51
N ALA D 65 3.91 33.16 -3.19
CA ALA D 65 5.14 32.78 -2.51
C ALA D 65 5.51 33.80 -1.45
N LYS D 66 5.50 35.07 -1.82
CA LYS D 66 5.97 36.11 -0.90
C LYS D 66 5.06 36.21 0.32
N ARG D 67 3.76 36.20 0.10
CA ARG D 67 2.83 36.27 1.22
C ARG D 67 2.96 35.04 2.10
N ALA D 68 3.12 33.86 1.51
CA ALA D 68 3.29 32.65 2.30
C ALA D 68 4.57 32.72 3.11
N ILE D 69 5.64 33.22 2.51
CA ILE D 69 6.90 33.35 3.22
C ILE D 69 6.72 34.24 4.44
N LYS D 70 6.09 35.40 4.23
CA LYS D 70 5.89 36.31 5.34
C LYS D 70 4.99 35.69 6.39
N LEU D 71 3.98 34.94 5.96
CA LEU D 71 3.12 34.23 6.90
C LEU D 71 3.95 33.29 7.77
N VAL D 72 4.80 32.49 7.15
CA VAL D 72 5.57 31.52 7.90
C VAL D 72 6.49 32.22 8.89
N ARG D 73 7.16 33.28 8.43
CA ARG D 73 8.10 33.96 9.31
C ARG D 73 7.37 34.64 10.47
N GLU D 74 6.20 35.23 10.20
CA GLU D 74 5.39 35.80 11.27
C GLU D 74 5.01 34.71 12.27
N ALA D 75 4.63 33.55 11.77
CA ALA D 75 4.25 32.45 12.65
C ALA D 75 5.43 32.02 13.50
N LEU D 76 6.63 31.99 12.91
CA LEU D 76 7.82 31.62 13.65
C LEU D 76 8.10 32.63 14.76
N GLU D 77 8.00 33.91 14.44
CA GLU D 77 8.23 34.93 15.45
C GLU D 77 7.23 34.84 16.58
N LEU D 78 5.96 34.58 16.25
CA LEU D 78 4.95 34.37 17.27
C LEU D 78 5.28 33.16 18.13
N LEU D 79 5.64 32.06 17.48
CA LEU D 79 5.99 30.85 18.21
C LEU D 79 7.15 31.11 19.16
N LYS D 80 8.08 31.98 18.76
CA LYS D 80 9.16 32.36 19.66
C LYS D 80 8.60 32.87 20.97
N GLU D 81 7.42 33.49 20.93
CA GLU D 81 6.77 33.98 22.13
C GLU D 81 5.86 32.92 22.75
N GLY D 82 4.98 32.34 21.97
CA GLY D 82 4.02 31.38 22.50
C GLY D 82 2.72 31.34 21.72
N ASP D 83 1.60 31.56 22.39
CA ASP D 83 0.30 31.57 21.70
C ASP D 83 0.02 30.27 20.98
N PRO D 84 -0.40 29.21 21.70
CA PRO D 84 -0.59 27.88 21.07
C PRO D 84 -1.25 27.92 19.70
N ARG D 85 -2.03 28.95 19.41
CA ARG D 85 -2.61 29.09 18.08
C ARG D 85 -1.51 29.16 17.03
N ALA D 86 -0.31 29.56 17.44
CA ALA D 86 0.82 29.54 16.53
C ALA D 86 1.07 28.15 15.98
N GLU D 87 0.79 27.10 16.76
CA GLU D 87 0.99 25.75 16.25
C GLU D 87 0.12 25.51 15.03
N GLU D 88 -1.18 25.78 15.15
CA GLU D 88 -2.08 25.57 14.03
C GLU D 88 -1.67 26.43 12.85
N ILE D 89 -1.37 27.69 13.12
CA ILE D 89 -1.06 28.60 12.03
C ILE D 89 0.20 28.14 11.30
N LEU D 90 1.21 27.69 12.05
CA LEU D 90 2.45 27.28 11.43
C LEU D 90 2.24 26.02 10.59
N LYS D 91 1.50 25.05 11.11
CA LYS D 91 1.20 23.88 10.31
C LYS D 91 0.50 24.27 9.02
N LEU D 92 -0.53 25.13 9.13
CA LEU D 92 -1.26 25.54 7.94
C LEU D 92 -0.32 26.24 6.95
N ALA D 93 0.56 27.09 7.45
CA ALA D 93 1.42 27.84 6.57
C ALA D 93 2.40 26.93 5.85
N LEU D 94 2.89 25.91 6.53
CA LEU D 94 3.77 24.97 5.85
C LEU D 94 3.02 24.18 4.80
N LYS D 95 1.79 23.75 5.11
CA LYS D 95 1.02 23.07 4.09
C LYS D 95 0.80 23.98 2.89
N ILE D 96 0.58 25.27 3.15
CA ILE D 96 0.37 26.21 2.05
C ILE D 96 1.62 26.29 1.19
N ILE D 97 2.79 26.44 1.81
CA ILE D 97 4.01 26.55 1.02
C ILE D 97 4.25 25.27 0.24
N LYS D 98 3.97 24.13 0.85
CA LYS D 98 3.98 22.88 0.13
C LYS D 98 3.12 22.99 -1.13
N ALA D 99 1.89 23.49 -0.96
CA ALA D 99 0.98 23.60 -2.09
C ALA D 99 1.51 24.55 -3.15
N ILE D 100 2.24 25.58 -2.75
CA ILE D 100 2.74 26.56 -3.71
C ILE D 100 3.91 25.98 -4.51
N LEU D 101 4.82 25.28 -3.83
CA LEU D 101 5.86 24.58 -4.58
C LEU D 101 5.26 23.58 -5.54
N LEU D 102 4.28 22.82 -5.05
CA LEU D 102 3.57 21.90 -5.91
C LEU D 102 2.94 22.63 -7.08
N LEU D 103 2.46 23.84 -6.84
CA LEU D 103 1.88 24.64 -7.90
C LEU D 103 2.92 24.97 -8.96
N LEU D 104 4.13 25.33 -8.52
CA LEU D 104 5.15 25.67 -9.51
C LEU D 104 5.48 24.46 -10.37
N GLU D 105 5.61 23.29 -9.73
CA GLU D 105 5.80 22.06 -10.49
C GLU D 105 4.65 21.84 -11.46
N MET D 106 3.42 22.06 -10.99
CA MET D 106 2.24 21.87 -11.81
C MET D 106 2.25 22.82 -13.00
N TYR D 107 2.62 24.06 -12.76
CA TYR D 107 2.65 25.08 -13.80
C TYR D 107 3.68 24.73 -14.86
N GLU D 108 4.87 24.32 -14.42
CA GLU D 108 5.86 23.90 -15.40
C GLU D 108 5.34 22.74 -16.22
N ASN D 109 4.64 21.79 -15.58
CA ASN D 109 4.04 20.72 -16.36
C ASN D 109 3.01 21.27 -17.33
N ILE D 110 2.14 22.16 -16.86
CA ILE D 110 1.04 22.69 -17.64
C ILE D 110 1.57 23.46 -18.84
N LYS D 111 2.85 23.81 -18.83
CA LYS D 111 3.47 24.22 -20.08
C LYS D 111 3.20 23.19 -21.16
N GLN D 112 3.30 21.90 -20.81
CA GLN D 112 2.97 20.86 -21.77
C GLN D 112 1.53 20.96 -22.23
N ALA D 113 0.60 21.20 -21.30
CA ALA D 113 -0.81 21.31 -21.66
C ALA D 113 -1.03 22.46 -22.64
N GLU D 114 -0.38 23.60 -22.38
CA GLU D 114 -0.50 24.72 -23.30
C GLU D 114 -0.01 24.33 -24.68
N GLU D 115 1.09 23.58 -24.73
CA GLU D 115 1.57 23.06 -26.01
C GLU D 115 0.51 22.16 -26.65
N LEU D 116 -0.18 21.36 -25.84
CA LEU D 116 -1.24 20.50 -26.33
C LEU D 116 -2.53 21.25 -26.60
N GLY D 117 -2.81 22.30 -25.84
CA GLY D 117 -4.09 22.97 -25.94
C GLY D 117 -5.19 22.34 -25.13
N ASP D 118 -4.86 21.71 -23.99
CA ASP D 118 -5.86 21.15 -23.08
C ASP D 118 -6.47 22.29 -22.27
N GLU D 119 -7.31 23.07 -22.95
CA GLU D 119 -7.96 24.22 -22.32
C GLU D 119 -8.79 23.80 -21.12
N ASP D 120 -9.29 22.56 -21.12
CA ASP D 120 -9.98 22.06 -19.95
C ASP D 120 -9.07 22.11 -18.72
N LEU D 121 -7.87 21.54 -18.85
CA LEU D 121 -6.92 21.61 -17.74
C LEU D 121 -6.55 23.05 -17.44
N SER D 122 -6.47 23.89 -18.47
CA SER D 122 -6.11 25.29 -18.25
C SER D 122 -7.12 25.98 -17.34
N GLU D 123 -8.41 25.91 -17.69
CA GLU D 123 -9.43 26.52 -16.85
C GLU D 123 -9.46 25.90 -15.47
N LEU D 124 -9.34 24.57 -15.41
CA LEU D 124 -9.37 23.91 -14.11
C LEU D 124 -8.22 24.39 -13.24
N ALA D 125 -7.03 24.50 -13.82
CA ALA D 125 -5.88 24.98 -13.08
C ALA D 125 -6.08 26.43 -12.67
N LYS D 126 -6.75 27.22 -13.51
CA LYS D 126 -7.04 28.60 -13.13
C LYS D 126 -7.87 28.61 -11.85
N ILE D 127 -8.90 27.77 -11.81
CA ILE D 127 -9.72 27.70 -10.61
C ILE D 127 -8.88 27.23 -9.43
N ALA D 128 -7.96 26.30 -9.68
CA ALA D 128 -7.11 25.82 -8.60
C ALA D 128 -6.25 26.95 -8.04
N ILE D 129 -5.62 27.72 -8.92
CA ILE D 129 -4.75 28.80 -8.46
C ILE D 129 -5.54 29.80 -7.67
N ARG D 130 -6.70 30.20 -8.19
CA ARG D 130 -7.53 31.16 -7.46
C ARG D 130 -8.00 30.59 -6.14
N LEU D 131 -8.26 29.28 -6.11
CA LEU D 131 -8.63 28.65 -4.85
C LEU D 131 -7.53 28.79 -3.84
N VAL D 132 -6.29 28.52 -4.27
CA VAL D 132 -5.17 28.66 -3.37
C VAL D 132 -5.06 30.11 -2.90
N ARG D 133 -5.27 31.05 -3.82
CA ARG D 133 -5.25 32.45 -3.44
C ARG D 133 -6.30 32.72 -2.36
N GLN D 134 -7.50 32.16 -2.53
CA GLN D 134 -8.56 32.34 -1.55
C GLN D 134 -8.17 31.74 -0.21
N ALA D 135 -7.54 30.58 -0.23
CA ALA D 135 -7.11 29.95 1.02
C ALA D 135 -6.06 30.80 1.71
N LEU D 136 -5.12 31.34 0.94
CA LEU D 136 -4.11 32.22 1.52
C LEU D 136 -4.76 33.46 2.11
N LYS D 137 -5.75 34.01 1.39
CA LYS D 137 -6.45 35.19 1.87
C LYS D 137 -7.17 34.92 3.18
N LEU D 138 -7.96 33.85 3.22
CA LEU D 138 -8.64 33.46 4.44
C LEU D 138 -7.64 33.27 5.58
N LEU D 139 -6.54 32.57 5.30
CA LEU D 139 -5.54 32.33 6.33
C LEU D 139 -4.99 33.64 6.85
N GLN D 140 -4.70 34.57 5.94
CA GLN D 140 -4.27 35.89 6.35
C GLN D 140 -5.32 36.54 7.24
N GLU D 141 -6.59 36.27 6.97
CA GLU D 141 -7.70 36.76 7.80
C GLU D 141 -7.93 35.92 9.05
N GLY D 142 -7.30 34.74 9.13
CA GLY D 142 -7.53 33.87 10.27
C GLY D 142 -8.83 33.12 10.26
N ASP D 143 -9.54 33.08 9.12
CA ASP D 143 -10.79 32.36 9.05
C ASP D 143 -10.54 30.86 9.12
N PRO D 144 -11.22 30.11 9.99
CA PRO D 144 -11.01 28.65 10.04
C PRO D 144 -11.28 27.95 8.73
N ARG D 145 -11.97 28.58 7.79
CA ARG D 145 -12.16 27.99 6.47
C ARG D 145 -10.86 27.82 5.70
N ALA D 146 -9.75 28.36 6.21
CA ALA D 146 -8.48 28.24 5.52
C ALA D 146 -8.19 26.79 5.17
N GLU D 147 -8.29 25.91 6.16
CA GLU D 147 -8.05 24.49 5.90
C GLU D 147 -9.11 23.93 4.95
N GLU D 148 -10.36 24.33 5.14
CA GLU D 148 -11.44 23.72 4.38
C GLU D 148 -11.28 23.99 2.89
N ILE D 149 -10.86 25.19 2.54
CA ILE D 149 -10.64 25.51 1.12
C ILE D 149 -9.30 24.95 0.66
N LEU D 150 -8.29 25.02 1.52
CA LEU D 150 -6.97 24.56 1.14
C LEU D 150 -6.99 23.10 0.73
N GLU D 151 -7.72 22.27 1.47
CA GLU D 151 -7.75 20.85 1.15
C GLU D 151 -8.32 20.62 -0.24
N ILE D 152 -9.36 21.37 -0.60
CA ILE D 152 -9.92 21.24 -1.95
C ILE D 152 -8.90 21.71 -2.97
N ALA D 153 -8.18 22.78 -2.65
CA ALA D 153 -7.12 23.24 -3.54
C ALA D 153 -6.13 22.12 -3.80
N LEU D 154 -5.65 21.50 -2.74
CA LEU D 154 -4.70 20.41 -2.86
C LEU D 154 -5.26 19.30 -3.71
N ARG D 155 -6.50 18.91 -3.45
CA ARG D 155 -7.03 17.74 -4.14
C ARG D 155 -7.20 18.02 -5.62
N ILE D 156 -7.62 19.23 -5.97
CA ILE D 156 -7.69 19.56 -7.39
C ILE D 156 -6.31 19.57 -8.00
N ILE D 157 -5.30 20.05 -7.27
CA ILE D 157 -3.95 20.09 -7.81
C ILE D 157 -3.43 18.67 -8.06
N LYS D 158 -3.63 17.79 -7.09
CA LYS D 158 -3.21 16.43 -7.30
C LYS D 158 -3.94 15.81 -8.47
N LEU D 159 -5.25 16.05 -8.59
CA LEU D 159 -5.96 15.49 -9.73
C LEU D 159 -5.36 15.99 -11.04
N ILE D 160 -5.08 17.28 -11.11
CA ILE D 160 -4.54 17.84 -12.34
C ILE D 160 -3.21 17.19 -12.67
N LEU D 161 -2.34 17.08 -11.67
CA LEU D 161 -1.06 16.43 -11.90
C LEU D 161 -1.26 14.99 -12.35
N GLN D 162 -2.26 14.32 -11.78
CA GLN D 162 -2.51 12.94 -12.16
C GLN D 162 -2.87 12.87 -13.64
N LEU D 163 -3.69 13.80 -14.10
CA LEU D 163 -4.05 13.80 -15.51
C LEU D 163 -2.85 14.13 -16.38
N LEU D 164 -1.95 14.99 -15.91
CA LEU D 164 -0.77 15.33 -16.70
C LEU D 164 0.18 14.14 -16.83
N PHE D 165 0.42 13.43 -15.72
CA PHE D 165 1.27 12.24 -15.79
C PHE D 165 0.60 11.16 -16.63
N LEU D 166 -0.72 11.03 -16.54
CA LEU D 166 -1.42 10.11 -17.42
C LEU D 166 -1.21 10.51 -18.88
N LYS D 167 -1.28 11.81 -19.16
CA LYS D 167 -1.06 12.27 -20.53
C LYS D 167 0.35 11.92 -21.01
N GLN D 168 1.34 12.13 -20.15
CA GLN D 168 2.71 11.81 -20.55
C GLN D 168 2.86 10.32 -20.81
N ARG D 169 2.34 9.48 -19.92
CA ARG D 169 2.40 8.05 -20.14
C ARG D 169 1.66 7.67 -21.42
N ILE D 170 0.59 8.41 -21.72
CA ILE D 170 -0.07 8.27 -23.02
C ILE D 170 0.94 8.55 -24.14
N GLU D 171 1.74 9.61 -23.98
CA GLU D 171 2.77 9.89 -24.98
C GLU D 171 3.76 8.74 -25.08
N GLU D 172 3.86 7.92 -24.04
CA GLU D 172 4.70 6.73 -24.09
C GLU D 172 3.91 5.56 -24.67
N GLN D 180 -0.59 -3.22 -16.86
CA GLN D 180 -0.38 -2.26 -17.94
C GLN D 180 0.01 -0.90 -17.38
N PHE D 181 0.97 -0.25 -18.06
CA PHE D 181 1.66 0.89 -17.47
C PHE D 181 0.74 2.10 -17.27
N VAL D 182 -0.40 2.16 -17.97
CA VAL D 182 -1.39 3.20 -17.71
C VAL D 182 -2.41 2.78 -16.68
N PHE D 183 -2.42 1.52 -16.27
CA PHE D 183 -3.46 1.03 -15.37
C PHE D 183 -3.38 1.72 -14.01
N GLU D 184 -2.16 1.92 -13.51
CA GLU D 184 -2.01 2.52 -12.18
C GLU D 184 -2.71 3.87 -12.12
N ALA D 185 -2.58 4.68 -13.16
CA ALA D 185 -3.24 5.98 -13.16
C ALA D 185 -4.75 5.82 -13.25
N GLU D 186 -5.22 4.95 -14.16
CA GLU D 186 -6.66 4.76 -14.29
C GLU D 186 -7.26 4.35 -12.95
N GLU D 187 -6.47 3.67 -12.11
CA GLU D 187 -6.94 3.34 -10.77
C GLU D 187 -6.88 4.54 -9.86
N LYS D 188 -5.67 5.08 -9.63
CA LYS D 188 -5.49 6.07 -8.58
C LYS D 188 -6.29 7.32 -8.82
N ILE D 189 -6.52 7.68 -10.09
CA ILE D 189 -7.36 8.84 -10.37
C ILE D 189 -8.75 8.61 -9.78
N ARG D 190 -9.21 7.35 -9.74
CA ARG D 190 -10.54 7.10 -9.21
C ARG D 190 -10.60 7.33 -7.71
N ARG D 191 -9.57 6.91 -6.97
CA ARG D 191 -9.55 7.19 -5.55
C ARG D 191 -9.50 8.69 -5.30
N ILE D 192 -8.65 9.40 -6.04
CA ILE D 192 -8.57 10.85 -5.87
C ILE D 192 -9.91 11.49 -6.17
N VAL D 193 -10.54 11.06 -7.26
CA VAL D 193 -11.81 11.64 -7.67
C VAL D 193 -12.86 11.43 -6.60
N GLU D 194 -12.96 10.20 -6.07
CA GLU D 194 -14.02 9.92 -5.12
C GLU D 194 -13.74 10.58 -3.77
N GLU D 195 -12.46 10.72 -3.39
CA GLU D 195 -12.16 11.48 -2.18
C GLU D 195 -12.49 12.95 -2.35
N LEU D 196 -12.18 13.51 -3.53
CA LEU D 196 -12.57 14.88 -3.82
C LEU D 196 -14.07 15.05 -3.71
N PHE D 197 -14.83 14.14 -4.32
CA PHE D 197 -16.29 14.20 -4.22
C PHE D 197 -16.73 14.07 -2.78
N LYS D 198 -16.12 13.17 -2.02
CA LYS D 198 -16.51 12.99 -0.64
C LYS D 198 -16.32 14.28 0.15
N LEU D 199 -15.22 14.98 -0.09
CA LEU D 199 -15.02 16.26 0.57
C LEU D 199 -16.06 17.28 0.15
N LEU D 200 -16.31 17.39 -1.15
CA LEU D 200 -17.18 18.46 -1.64
C LEU D 200 -18.64 18.22 -1.28
N GLU D 201 -19.06 16.97 -1.24
CA GLU D 201 -20.47 16.58 -1.09
C GLU D 201 -20.83 16.33 0.36
N GLY D 202 -19.98 15.64 1.11
CA GLY D 202 -20.26 15.32 2.50
C GLY D 202 -20.88 13.95 2.68
#